data_6O28
#
_entry.id   6O28
#
_cell.length_a   76.958
_cell.length_b   94.676
_cell.length_c   143.989
_cell.angle_alpha   90.000
_cell.angle_beta   90.000
_cell.angle_gamma   90.000
#
_symmetry.space_group_name_H-M   'P 21 21 21'
#
loop_
_entity.id
_entity.type
_entity.pdbx_description
1 polymer '4493 Fab heavy chain'
2 polymer '4493 Kappa light chain'
3 polymer 'Circumsporozoite protein'
4 polymer 'Anti-kappa VHH domain'
5 non-polymer 1,2-ETHANEDIOL
6 water water
#
loop_
_entity_poly.entity_id
_entity_poly.type
_entity_poly.pdbx_seq_one_letter_code
_entity_poly.pdbx_strand_id
1 'polypeptide(L)'
;EVQLVESGGGLVQPGRSLRLSCTASGFTFGDYAMSWVRQAPGKGLEWVGFIRSKANGGRTENPASVKGRFTISRDDSKSI
AYLQMNSLKTEDTAVYYCTRVELGSSWSLGYWGQGTLVTVSSASTKGPSVFPLAPSSKSTSGGTAALGCLVKDYFPEPVT
VSWNSGALTSGVHTFPAVLQSSGLYSLSSVVTVPSSSLGTQTYICNVNHKPSNTKVDKKVEPKSC
;
A,C
2 'polypeptide(L)'
;EIVLTQSPGTLSLSPGERATLSCRASQSVSSTYLAWYQQKPGQAPRLLIYGASSRATGIPDRFSGSGSGTDFTLTISRLE
PEDFAVYYCQQYGSSPWTFGQGTKVEIKRTVAAPSVFIFPPSDEQLKSGTASVVCLLNNFYPREAKVQWKVDNALQSGNS
QESVTEQDSKDSTYSLSSTLTLSKADYEKHKVYACEVTHQGLSSPVTKSFNRGEC
;
B,D
3 'polypeptide(L)' KQPADGNPDPNANPN E,F
4 'polypeptide(L)'
;(UNK)VQL(UNK)(UNK)SGGG(UNK)VQ(UNK)G(UNK)SL(UNK)LSC(UNK)A(UNK)(UNK)(UNK)(UNK)
(UNK)(UNK)(UNK)(UNK)(UNK)(UNK)(UNK)W(UNK)RQ(UNK)PG(UNK)(UNK)RE(UNK)V(UNK)(UNK)
(UNK)(UNK)(UNK)(UNK)(UNK)(UNK)(UNK)(UNK)(UNK)(UNK)(UNK)DS(UNK)(UNK)GRFT(UNK)S
(UNK)D(UNK)(UNK)(UNK)(UNK)(UNK)(UNK)(UNK)LQ(UNK)(UNK)(UNK)L(UNK)(UNK)(UNK)D(UNK)
A(UNK)YYC(UNK)(UNK)(UNK)(UNK)(UNK)(UNK)(UNK)(UNK)(UNK)(UNK)(UNK)(UNK)(UNK)(UNK)W
G(UNK)GT(UNK)VTVSS
;
G,K
#
# COMPACT_ATOMS: atom_id res chain seq x y z
N GLU A 1 -8.16 3.95 5.26
CA GLU A 1 -8.62 2.63 4.83
C GLU A 1 -9.99 2.73 4.16
N VAL A 2 -10.10 2.17 2.95
CA VAL A 2 -11.35 2.23 2.21
C VAL A 2 -12.35 1.28 2.85
N GLN A 3 -13.54 1.80 3.16
CA GLN A 3 -14.62 1.02 3.72
C GLN A 3 -15.87 1.19 2.88
N LEU A 4 -16.52 0.08 2.53
CA LEU A 4 -17.74 0.05 1.73
C LEU A 4 -18.73 -0.86 2.45
N VAL A 5 -19.49 -0.29 3.38
CA VAL A 5 -20.31 -1.08 4.30
C VAL A 5 -21.70 -1.21 3.69
N GLU A 6 -22.00 -2.38 3.14
CA GLU A 6 -23.32 -2.64 2.60
C GLU A 6 -24.30 -2.95 3.73
N SER A 7 -25.54 -2.49 3.57
CA SER A 7 -26.60 -2.78 4.52
C SER A 7 -27.93 -2.79 3.78
N GLY A 8 -28.97 -3.25 4.46
CA GLY A 8 -30.30 -3.32 3.87
C GLY A 8 -30.65 -4.65 3.25
N GLY A 9 -29.75 -5.63 3.31
CA GLY A 9 -30.02 -6.94 2.77
C GLY A 9 -30.90 -7.78 3.67
N GLY A 10 -30.91 -9.07 3.41
CA GLY A 10 -31.74 -9.96 4.20
C GLY A 10 -32.82 -10.65 3.39
N LEU A 11 -33.88 -11.06 4.06
CA LEU A 11 -34.97 -11.82 3.45
C LEU A 11 -35.99 -10.89 2.81
N VAL A 12 -36.43 -11.24 1.60
CA VAL A 12 -37.41 -10.46 0.85
C VAL A 12 -38.29 -11.41 0.07
N GLN A 13 -39.59 -11.11 -0.01
CA GLN A 13 -40.51 -11.96 -0.73
C GLN A 13 -40.29 -11.84 -2.24
N PRO A 14 -40.51 -12.92 -2.99
CA PRO A 14 -40.52 -12.82 -4.44
C PRO A 14 -41.51 -11.77 -4.91
N GLY A 15 -41.09 -10.96 -5.89
CA GLY A 15 -41.90 -9.89 -6.42
C GLY A 15 -41.77 -8.56 -5.70
N ARG A 16 -41.17 -8.54 -4.51
CA ARG A 16 -41.08 -7.31 -3.74
C ARG A 16 -39.83 -6.53 -4.11
N SER A 17 -39.63 -5.39 -3.44
CA SER A 17 -38.51 -4.51 -3.68
C SER A 17 -37.62 -4.42 -2.44
N LEU A 18 -36.35 -4.08 -2.68
CA LEU A 18 -35.38 -3.94 -1.61
C LEU A 18 -34.36 -2.89 -2.05
N ARG A 19 -34.01 -1.99 -1.13
CA ARG A 19 -32.97 -1.00 -1.38
C ARG A 19 -31.76 -1.32 -0.54
N LEU A 20 -30.61 -1.53 -1.18
CA LEU A 20 -29.35 -1.70 -0.49
C LEU A 20 -28.63 -0.37 -0.37
N SER A 21 -27.91 -0.21 0.72
CA SER A 21 -27.12 0.98 0.99
C SER A 21 -25.64 0.57 1.06
N CYS A 22 -24.79 1.42 0.51
CA CYS A 22 -23.34 1.28 0.64
C CYS A 22 -22.83 2.55 1.29
N THR A 23 -22.53 2.48 2.58
CA THR A 23 -22.02 3.63 3.32
C THR A 23 -20.50 3.62 3.20
N ALA A 24 -19.97 4.60 2.47
CA ALA A 24 -18.55 4.63 2.14
C ALA A 24 -17.81 5.57 3.09
N SER A 25 -16.54 5.26 3.33
CA SER A 25 -15.68 6.13 4.13
C SER A 25 -14.23 5.82 3.76
N GLY A 26 -13.34 6.71 4.17
CA GLY A 26 -11.93 6.54 3.93
C GLY A 26 -11.46 6.94 2.56
N PHE A 27 -12.22 7.76 1.85
CA PHE A 27 -11.84 8.27 0.53
C PHE A 27 -12.85 9.34 0.14
N THR A 28 -12.53 10.08 -0.93
CA THR A 28 -13.36 11.17 -1.41
C THR A 28 -14.45 10.60 -2.29
N PHE A 29 -15.56 10.23 -1.63
CA PHE A 29 -16.62 9.46 -2.29
C PHE A 29 -17.09 10.11 -3.59
N GLY A 30 -17.26 11.44 -3.58
CA GLY A 30 -17.79 12.14 -4.74
C GLY A 30 -16.95 12.03 -6.01
N ASP A 31 -15.66 11.69 -5.88
CA ASP A 31 -14.80 11.63 -7.06
C ASP A 31 -14.99 10.38 -7.91
N TYR A 32 -15.59 9.32 -7.37
CA TYR A 32 -15.50 7.99 -7.97
C TYR A 32 -16.85 7.53 -8.52
N ALA A 33 -16.80 6.81 -9.63
CA ALA A 33 -17.92 5.96 -10.00
C ALA A 33 -18.01 4.80 -9.02
N MET A 34 -19.22 4.32 -8.78
CA MET A 34 -19.46 3.19 -7.91
C MET A 34 -20.24 2.12 -8.67
N SER A 35 -19.96 0.86 -8.35
CA SER A 35 -20.53 -0.26 -9.09
C SER A 35 -20.97 -1.35 -8.12
N TRP A 36 -22.05 -2.03 -8.47
CA TRP A 36 -22.55 -3.16 -7.72
C TRP A 36 -22.32 -4.45 -8.50
N VAL A 37 -21.83 -5.47 -7.79
CA VAL A 37 -21.55 -6.79 -8.36
C VAL A 37 -22.16 -7.82 -7.42
N ARG A 38 -22.77 -8.86 -7.97
CA ARG A 38 -23.40 -9.87 -7.14
C ARG A 38 -22.85 -11.25 -7.44
N GLN A 39 -23.04 -12.16 -6.48
CA GLN A 39 -22.54 -13.52 -6.57
C GLN A 39 -23.59 -14.45 -5.98
N ALA A 40 -24.26 -15.22 -6.84
CA ALA A 40 -25.23 -16.18 -6.35
C ALA A 40 -24.50 -17.35 -5.69
N PRO A 41 -25.15 -18.04 -4.74
CA PRO A 41 -24.47 -19.09 -3.98
C PRO A 41 -23.83 -20.14 -4.88
N GLY A 42 -22.52 -20.33 -4.71
CA GLY A 42 -21.79 -21.32 -5.48
C GLY A 42 -21.41 -20.89 -6.88
N LYS A 43 -21.74 -19.67 -7.29
CA LYS A 43 -21.58 -19.24 -8.67
C LYS A 43 -20.49 -18.18 -8.77
N GLY A 44 -20.39 -17.57 -9.94
CA GLY A 44 -19.39 -16.56 -10.22
C GLY A 44 -19.90 -15.15 -9.99
N LEU A 45 -19.17 -14.19 -10.54
CA LEU A 45 -19.46 -12.78 -10.32
C LEU A 45 -20.24 -12.21 -11.50
N GLU A 46 -21.21 -11.37 -11.20
CA GLU A 46 -22.04 -10.73 -12.22
C GLU A 46 -22.17 -9.24 -11.90
N TRP A 47 -21.79 -8.41 -12.87
CA TRP A 47 -21.97 -6.97 -12.77
C TRP A 47 -23.45 -6.62 -12.88
N VAL A 48 -23.93 -5.73 -12.00
CA VAL A 48 -25.34 -5.32 -12.08
C VAL A 48 -25.50 -3.81 -12.18
N GLY A 49 -24.42 -3.09 -12.41
CA GLY A 49 -24.51 -1.69 -12.80
C GLY A 49 -23.48 -0.79 -12.15
N PHE A 50 -23.32 0.40 -12.71
CA PHE A 50 -22.50 1.43 -12.08
C PHE A 50 -23.18 2.78 -12.22
N ILE A 51 -22.70 3.74 -11.42
CA ILE A 51 -23.14 5.12 -11.49
C ILE A 51 -21.89 6.00 -11.50
N ARG A 52 -21.88 6.98 -12.39
CA ARG A 52 -20.72 7.85 -12.54
C ARG A 52 -20.72 8.93 -11.48
N SER A 53 -19.57 9.60 -11.34
CA SER A 53 -19.48 10.75 -10.46
C SER A 53 -20.33 11.89 -10.99
N LYS A 54 -20.66 12.82 -10.09
CA LYS A 54 -21.37 14.02 -10.49
C LYS A 54 -20.61 14.78 -11.57
N ALA A 55 -19.29 14.86 -11.44
CA ALA A 55 -18.48 15.59 -12.42
C ALA A 55 -18.60 14.97 -13.81
N ASN A 56 -18.90 13.67 -13.88
CA ASN A 56 -19.07 12.97 -15.14
C ASN A 56 -20.53 12.73 -15.49
N GLY A 57 -21.45 13.54 -14.97
CA GLY A 57 -22.84 13.51 -15.35
C GLY A 57 -23.76 12.78 -14.37
N GLY A 58 -23.21 11.92 -13.52
CA GLY A 58 -23.99 11.25 -12.51
C GLY A 58 -25.03 10.27 -12.99
N ARG A 59 -24.93 9.78 -14.23
CA ARG A 59 -25.88 8.84 -14.79
C ARG A 59 -25.38 7.40 -14.66
N THR A 60 -26.30 6.46 -14.83
CA THR A 60 -26.04 5.04 -14.57
C THR A 60 -26.00 4.24 -15.86
N GLU A 61 -25.46 3.03 -15.74
CA GLU A 61 -25.51 2.00 -16.78
C GLU A 61 -25.82 0.67 -16.12
N ASN A 62 -26.73 -0.10 -16.72
CA ASN A 62 -27.15 -1.38 -16.17
C ASN A 62 -27.16 -2.44 -17.26
N PRO A 63 -26.86 -3.70 -16.91
CA PRO A 63 -26.90 -4.76 -17.92
C PRO A 63 -28.34 -5.08 -18.30
N ALA A 64 -28.53 -5.36 -19.60
CA ALA A 64 -29.87 -5.67 -20.09
C ALA A 64 -30.45 -6.91 -19.42
N SER A 65 -29.60 -7.82 -18.96
CA SER A 65 -30.08 -9.07 -18.37
C SER A 65 -30.94 -8.84 -17.13
N VAL A 66 -30.73 -7.73 -16.43
CA VAL A 66 -31.56 -7.39 -15.27
C VAL A 66 -32.91 -6.79 -15.65
N LYS A 67 -33.12 -6.49 -16.94
CA LYS A 67 -34.43 -6.09 -17.46
C LYS A 67 -34.98 -4.84 -16.79
N GLY A 68 -34.10 -3.88 -16.52
CA GLY A 68 -34.51 -2.59 -16.00
C GLY A 68 -35.13 -2.60 -14.62
N ARG A 69 -34.95 -3.67 -13.85
CA ARG A 69 -35.53 -3.76 -12.53
C ARG A 69 -34.70 -3.04 -11.46
N PHE A 70 -33.43 -2.74 -11.74
CA PHE A 70 -32.53 -2.18 -10.76
C PHE A 70 -32.24 -0.72 -11.08
N THR A 71 -32.13 0.10 -10.04
CA THR A 71 -31.75 1.50 -10.18
C THR A 71 -30.67 1.83 -9.17
N ILE A 72 -29.60 2.45 -9.63
CA ILE A 72 -28.49 2.88 -8.78
C ILE A 72 -28.57 4.38 -8.62
N SER A 73 -28.39 4.85 -7.38
CA SER A 73 -28.34 6.27 -7.09
C SER A 73 -27.25 6.52 -6.06
N ARG A 74 -26.96 7.80 -5.82
CA ARG A 74 -25.92 8.16 -4.88
C ARG A 74 -26.32 9.44 -4.15
N ASP A 75 -25.87 9.55 -2.90
CA ASP A 75 -26.06 10.74 -2.08
C ASP A 75 -24.67 11.19 -1.64
N ASP A 76 -24.12 12.17 -2.35
CA ASP A 76 -22.75 12.59 -2.07
C ASP A 76 -22.62 13.28 -0.73
N SER A 77 -23.68 13.95 -0.25
CA SER A 77 -23.59 14.62 1.05
C SER A 77 -23.50 13.63 2.20
N LYS A 78 -23.94 12.38 1.99
CA LYS A 78 -23.85 11.35 3.01
C LYS A 78 -22.83 10.27 2.66
N SER A 79 -22.20 10.36 1.48
CA SER A 79 -21.29 9.34 0.97
C SER A 79 -21.93 7.95 1.00
N ILE A 80 -23.13 7.85 0.41
CA ILE A 80 -23.85 6.59 0.32
C ILE A 80 -24.19 6.32 -1.14
N ALA A 81 -23.96 5.10 -1.59
CA ALA A 81 -24.48 4.61 -2.86
C ALA A 81 -25.62 3.63 -2.60
N TYR A 82 -26.63 3.64 -3.46
CA TYR A 82 -27.81 2.80 -3.30
C TYR A 82 -27.97 1.85 -4.48
N LEU A 83 -28.55 0.69 -4.22
CA LEU A 83 -29.02 -0.23 -5.24
C LEU A 83 -30.48 -0.52 -4.93
N GLN A 84 -31.39 0.05 -5.72
CA GLN A 84 -32.82 -0.20 -5.61
C GLN A 84 -33.18 -1.35 -6.54
N MET A 85 -33.72 -2.43 -5.99
CA MET A 85 -34.04 -3.64 -6.75
C MET A 85 -35.55 -3.86 -6.69
N ASN A 86 -36.20 -3.89 -7.86
CA ASN A 86 -37.63 -4.08 -7.94
C ASN A 86 -37.95 -5.43 -8.58
N SER A 87 -39.18 -5.90 -8.35
CA SER A 87 -39.68 -7.12 -8.96
C SER A 87 -38.70 -8.28 -8.77
N LEU A 88 -38.28 -8.49 -7.54
CA LEU A 88 -37.22 -9.46 -7.27
C LEU A 88 -37.70 -10.89 -7.54
N LYS A 89 -36.78 -11.72 -7.98
CA LYS A 89 -37.05 -13.11 -8.28
C LYS A 89 -36.12 -14.00 -7.48
N THR A 90 -36.50 -15.28 -7.34
CA THR A 90 -35.66 -16.21 -6.61
C THR A 90 -34.24 -16.26 -7.18
N GLU A 91 -34.10 -16.07 -8.50
CA GLU A 91 -32.80 -16.05 -9.12
C GLU A 91 -31.93 -14.87 -8.67
N ASP A 92 -32.51 -13.86 -8.05
CA ASP A 92 -31.73 -12.72 -7.57
C ASP A 92 -31.06 -12.98 -6.23
N THR A 93 -31.33 -14.14 -5.60
CA THR A 93 -30.65 -14.49 -4.37
C THR A 93 -29.14 -14.51 -4.58
N ALA A 94 -28.42 -13.68 -3.83
CA ALA A 94 -26.98 -13.53 -4.03
C ALA A 94 -26.40 -12.64 -2.94
N VAL A 95 -25.08 -12.72 -2.78
CA VAL A 95 -24.33 -11.70 -2.05
C VAL A 95 -24.11 -10.52 -2.97
N TYR A 96 -24.46 -9.32 -2.51
CA TYR A 96 -24.34 -8.11 -3.31
C TYR A 96 -23.18 -7.27 -2.78
N TYR A 97 -22.20 -7.02 -3.65
CA TYR A 97 -21.01 -6.26 -3.30
C TYR A 97 -21.10 -4.84 -3.85
N CYS A 98 -20.78 -3.87 -3.01
CA CYS A 98 -20.52 -2.51 -3.43
C CYS A 98 -19.03 -2.37 -3.75
N THR A 99 -18.70 -1.68 -4.83
CA THR A 99 -17.31 -1.53 -5.27
C THR A 99 -17.03 -0.10 -5.69
N ARG A 100 -15.77 0.30 -5.51
CA ARG A 100 -15.29 1.60 -5.98
C ARG A 100 -14.61 1.41 -7.34
N VAL A 101 -15.06 2.19 -8.33
CA VAL A 101 -14.43 2.16 -9.64
C VAL A 101 -13.23 3.08 -9.64
N GLU A 102 -12.07 2.56 -10.04
CA GLU A 102 -10.85 3.36 -9.98
C GLU A 102 -10.84 4.46 -11.03
N LEU A 103 -10.13 5.54 -10.72
CA LEU A 103 -10.03 6.69 -11.61
C LEU A 103 -9.06 6.40 -12.74
N GLY A 104 -9.16 7.20 -13.80
CA GLY A 104 -8.22 7.16 -14.90
C GLY A 104 -8.70 6.33 -16.07
N SER A 105 -7.74 5.87 -16.87
CA SER A 105 -8.03 5.24 -18.15
C SER A 105 -8.26 3.74 -18.06
N SER A 106 -8.02 3.11 -16.91
CA SER A 106 -8.29 1.69 -16.71
C SER A 106 -9.17 1.57 -15.47
N TRP A 107 -10.48 1.53 -15.67
CA TRP A 107 -11.46 1.67 -14.60
C TRP A 107 -11.85 0.31 -14.03
N SER A 108 -10.87 -0.33 -13.39
CA SER A 108 -11.11 -1.58 -12.71
C SER A 108 -11.82 -1.33 -11.37
N LEU A 109 -12.22 -2.43 -10.73
CA LEU A 109 -12.93 -2.36 -9.45
C LEU A 109 -11.89 -2.52 -8.34
N GLY A 110 -11.39 -1.39 -7.84
CA GLY A 110 -10.22 -1.41 -6.97
C GLY A 110 -10.50 -1.85 -5.55
N TYR A 111 -11.72 -1.66 -5.06
CA TYR A 111 -12.06 -1.96 -3.67
C TYR A 111 -13.46 -2.53 -3.62
N TRP A 112 -13.65 -3.53 -2.76
CA TRP A 112 -14.89 -4.27 -2.63
C TRP A 112 -15.30 -4.35 -1.15
N GLY A 113 -16.58 -4.13 -0.87
CA GLY A 113 -17.09 -4.36 0.47
C GLY A 113 -17.23 -5.85 0.75
N GLN A 114 -17.60 -6.16 2.01
CA GLN A 114 -17.83 -7.56 2.39
C GLN A 114 -19.00 -8.16 1.63
N GLY A 115 -19.94 -7.34 1.21
CA GLY A 115 -21.14 -7.83 0.58
C GLY A 115 -22.24 -8.10 1.60
N THR A 116 -23.47 -8.06 1.12
CA THR A 116 -24.63 -8.37 1.95
C THR A 116 -25.47 -9.41 1.23
N LEU A 117 -25.88 -10.46 1.96
CA LEU A 117 -26.69 -11.52 1.40
C LEU A 117 -28.14 -11.09 1.24
N VAL A 118 -28.68 -11.22 0.04
CA VAL A 118 -30.11 -11.03 -0.22
C VAL A 118 -30.70 -12.39 -0.55
N THR A 119 -31.71 -12.80 0.23
CA THR A 119 -32.39 -14.08 0.03
C THR A 119 -33.81 -13.80 -0.42
N VAL A 120 -34.13 -14.16 -1.66
CA VAL A 120 -35.47 -13.97 -2.21
C VAL A 120 -36.20 -15.31 -2.11
N SER A 121 -37.15 -15.40 -1.18
CA SER A 121 -37.85 -16.65 -0.91
C SER A 121 -39.10 -16.37 -0.09
N SER A 122 -40.09 -17.25 -0.24
CA SER A 122 -41.32 -17.21 0.54
C SER A 122 -41.31 -18.20 1.68
N ALA A 123 -40.18 -18.86 1.95
CA ALA A 123 -40.13 -19.87 2.99
C ALA A 123 -40.38 -19.24 4.36
N SER A 124 -40.89 -20.06 5.29
CA SER A 124 -41.19 -19.62 6.64
C SER A 124 -39.92 -19.46 7.47
N THR A 125 -39.86 -18.36 8.24
CA THR A 125 -38.77 -18.20 9.20
C THR A 125 -39.00 -19.12 10.38
N LYS A 126 -38.10 -20.07 10.59
CA LYS A 126 -38.27 -21.04 11.67
C LYS A 126 -36.90 -21.56 12.10
N GLY A 127 -36.81 -21.93 13.37
CA GLY A 127 -35.61 -22.52 13.92
C GLY A 127 -35.48 -23.99 13.56
N PRO A 128 -34.28 -24.53 13.67
CA PRO A 128 -34.05 -25.91 13.26
C PRO A 128 -34.56 -26.92 14.27
N SER A 129 -34.83 -28.11 13.77
CA SER A 129 -34.94 -29.30 14.60
C SER A 129 -33.53 -29.87 14.73
N VAL A 130 -33.13 -30.21 15.94
CA VAL A 130 -31.76 -30.67 16.20
C VAL A 130 -31.82 -32.10 16.68
N PHE A 131 -31.19 -33.00 15.93
CA PHE A 131 -31.20 -34.41 16.27
C PHE A 131 -29.78 -34.89 16.45
N PRO A 132 -29.54 -35.80 17.39
CA PRO A 132 -28.17 -36.30 17.59
C PRO A 132 -27.75 -37.28 16.49
N LEU A 133 -26.48 -37.21 16.12
CA LEU A 133 -25.84 -38.22 15.29
C LEU A 133 -25.01 -39.08 16.23
N ALA A 134 -25.55 -40.21 16.64
CA ALA A 134 -25.01 -40.97 17.76
C ALA A 134 -23.81 -41.80 17.33
N PRO A 135 -22.68 -41.71 18.03
CA PRO A 135 -21.55 -42.60 17.72
C PRO A 135 -21.85 -44.03 18.10
N SER A 136 -21.18 -44.95 17.41
CA SER A 136 -21.37 -46.38 17.65
C SER A 136 -20.03 -47.11 17.70
N SER A 141 -13.62 -46.41 12.46
CA SER A 141 -13.32 -46.21 13.87
C SER A 141 -11.82 -46.35 14.15
N GLY A 142 -11.42 -47.54 14.60
CA GLY A 142 -10.03 -47.82 14.90
C GLY A 142 -9.41 -46.87 15.90
N GLY A 143 -10.13 -46.61 16.99
CA GLY A 143 -9.68 -45.70 18.01
C GLY A 143 -10.29 -44.32 17.96
N THR A 144 -10.80 -43.91 16.79
CA THR A 144 -11.44 -42.62 16.62
C THR A 144 -12.93 -42.80 16.40
N ALA A 145 -13.75 -42.06 17.14
CA ALA A 145 -15.19 -42.09 16.96
C ALA A 145 -15.67 -40.73 16.47
N ALA A 146 -16.73 -40.74 15.68
CA ALA A 146 -17.36 -39.52 15.20
C ALA A 146 -18.75 -39.40 15.80
N LEU A 147 -19.15 -38.18 16.13
CA LEU A 147 -20.51 -37.90 16.55
C LEU A 147 -20.85 -36.51 16.03
N GLY A 148 -22.13 -36.15 16.14
CA GLY A 148 -22.53 -34.83 15.69
C GLY A 148 -23.98 -34.58 15.96
N CYS A 149 -24.51 -33.54 15.33
CA CYS A 149 -25.91 -33.16 15.40
CA CYS A 149 -25.93 -33.33 15.36
C CYS A 149 -26.41 -32.79 14.01
N LEU A 150 -27.64 -33.17 13.70
CA LEU A 150 -28.30 -32.85 12.45
C LEU A 150 -29.17 -31.61 12.70
N VAL A 151 -28.91 -30.55 11.96
CA VAL A 151 -29.57 -29.27 12.16
C VAL A 151 -30.49 -29.08 10.96
N LYS A 152 -31.76 -29.45 11.13
CA LYS A 152 -32.66 -29.73 10.01
C LYS A 152 -33.82 -28.74 9.96
N ASP A 153 -34.11 -28.27 8.74
CA ASP A 153 -35.32 -27.52 8.42
C ASP A 153 -35.40 -26.17 9.12
N TYR A 154 -34.40 -25.33 8.93
CA TYR A 154 -34.44 -23.97 9.42
C TYR A 154 -34.39 -23.00 8.25
N PHE A 155 -34.80 -21.76 8.51
CA PHE A 155 -34.79 -20.71 7.49
C PHE A 155 -34.94 -19.34 8.16
N PRO A 156 -34.22 -18.31 7.70
CA PRO A 156 -33.20 -18.40 6.66
C PRO A 156 -31.83 -18.71 7.24
N GLU A 157 -30.80 -18.61 6.42
CA GLU A 157 -29.44 -18.61 6.92
C GLU A 157 -29.22 -17.36 7.77
N PRO A 158 -28.26 -17.40 8.72
CA PRO A 158 -27.40 -18.52 9.12
C PRO A 158 -27.80 -19.15 10.45
N VAL A 159 -27.22 -20.31 10.72
CA VAL A 159 -27.22 -20.90 12.06
C VAL A 159 -25.77 -20.95 12.51
N THR A 160 -25.58 -20.92 13.81
CA THR A 160 -24.25 -21.12 14.38
C THR A 160 -24.29 -22.33 15.29
N VAL A 161 -23.25 -23.15 15.20
CA VAL A 161 -23.13 -24.38 15.98
C VAL A 161 -21.82 -24.32 16.73
N SER A 162 -21.87 -24.64 18.02
CA SER A 162 -20.67 -24.84 18.81
C SER A 162 -20.84 -26.14 19.59
N TRP A 163 -19.76 -26.58 20.21
CA TRP A 163 -19.74 -27.82 20.97
C TRP A 163 -19.24 -27.53 22.37
N ASN A 164 -20.00 -27.99 23.37
CA ASN A 164 -19.65 -27.78 24.77
C ASN A 164 -19.39 -26.31 25.06
N SER A 165 -20.26 -25.45 24.52
CA SER A 165 -20.19 -24.00 24.71
C SER A 165 -18.85 -23.43 24.25
N GLY A 166 -18.26 -24.03 23.22
CA GLY A 166 -17.00 -23.57 22.67
C GLY A 166 -15.77 -24.20 23.26
N ALA A 167 -15.92 -25.09 24.25
CA ALA A 167 -14.77 -25.78 24.83
C ALA A 167 -14.26 -26.91 23.95
N LEU A 168 -15.05 -27.38 22.99
CA LEU A 168 -14.64 -28.43 22.06
C LEU A 168 -14.61 -27.83 20.65
N THR A 169 -13.40 -27.66 20.11
CA THR A 169 -13.24 -27.06 18.79
C THR A 169 -12.36 -27.90 17.87
N SER A 170 -11.43 -28.65 18.45
CA SER A 170 -10.53 -29.47 17.64
C SER A 170 -11.31 -30.61 16.98
N GLY A 171 -11.13 -30.76 15.67
CA GLY A 171 -11.80 -31.83 14.94
C GLY A 171 -13.24 -31.56 14.56
N VAL A 172 -13.75 -30.36 14.79
CA VAL A 172 -15.14 -30.05 14.45
C VAL A 172 -15.24 -29.70 12.97
N HIS A 173 -16.26 -30.25 12.31
CA HIS A 173 -16.62 -29.84 10.96
C HIS A 173 -18.10 -29.50 10.95
N THR A 174 -18.42 -28.25 10.68
CA THR A 174 -19.79 -27.82 10.48
C THR A 174 -19.99 -27.61 8.99
N PHE A 175 -20.85 -28.41 8.39
CA PHE A 175 -20.98 -28.44 6.94
C PHE A 175 -21.76 -27.25 6.42
N PRO A 176 -21.47 -26.80 5.20
CA PRO A 176 -22.30 -25.75 4.59
C PRO A 176 -23.74 -26.23 4.46
N ALA A 177 -24.67 -25.31 4.67
CA ALA A 177 -26.07 -25.67 4.58
C ALA A 177 -26.41 -26.08 3.16
N VAL A 178 -27.37 -26.99 3.04
CA VAL A 178 -27.96 -27.36 1.76
C VAL A 178 -29.41 -26.87 1.76
N LEU A 179 -29.82 -26.29 0.63
CA LEU A 179 -31.21 -25.89 0.47
C LEU A 179 -32.02 -27.10 0.02
N GLN A 180 -32.96 -27.53 0.84
CA GLN A 180 -33.81 -28.66 0.49
C GLN A 180 -34.88 -28.21 -0.50
N SER A 181 -35.52 -29.18 -1.15
CA SER A 181 -36.57 -28.85 -2.10
C SER A 181 -37.72 -28.11 -1.43
N SER A 182 -37.90 -28.32 -0.12
CA SER A 182 -38.91 -27.60 0.65
C SER A 182 -38.64 -26.10 0.76
N GLY A 183 -37.43 -25.65 0.39
CA GLY A 183 -37.05 -24.27 0.61
C GLY A 183 -36.42 -23.97 1.95
N LEU A 184 -36.27 -24.97 2.81
CA LEU A 184 -35.63 -24.84 4.11
C LEU A 184 -34.21 -25.39 4.02
N TYR A 185 -33.36 -24.95 4.93
CA TYR A 185 -31.97 -25.37 4.95
C TYR A 185 -31.76 -26.50 5.94
N SER A 186 -30.69 -27.26 5.72
CA SER A 186 -30.27 -28.30 6.64
C SER A 186 -28.75 -28.41 6.58
N LEU A 187 -28.16 -28.76 7.72
CA LEU A 187 -26.73 -29.04 7.77
C LEU A 187 -26.48 -30.00 8.92
N SER A 188 -25.26 -30.52 8.95
CA SER A 188 -24.78 -31.34 10.05
C SER A 188 -23.49 -30.74 10.56
N SER A 189 -23.28 -30.87 11.86
CA SER A 189 -21.98 -30.56 12.47
C SER A 189 -21.47 -31.82 13.13
N VAL A 190 -20.20 -32.16 12.86
CA VAL A 190 -19.62 -33.41 13.35
C VAL A 190 -18.31 -33.11 14.05
N VAL A 191 -17.89 -34.05 14.89
CA VAL A 191 -16.61 -33.96 15.58
C VAL A 191 -16.11 -35.38 15.82
N THR A 192 -14.81 -35.58 15.64
CA THR A 192 -14.17 -36.85 15.96
C THR A 192 -13.53 -36.78 17.33
N VAL A 193 -13.70 -37.86 18.10
CA VAL A 193 -13.19 -37.95 19.46
C VAL A 193 -12.61 -39.35 19.67
N PRO A 194 -11.78 -39.53 20.70
CA PRO A 194 -11.32 -40.89 21.03
C PRO A 194 -12.50 -41.79 21.37
N SER A 195 -12.49 -43.00 20.80
CA SER A 195 -13.54 -43.97 21.12
C SER A 195 -13.58 -44.26 22.61
N SER A 196 -12.43 -44.21 23.28
CA SER A 196 -12.38 -44.51 24.71
C SER A 196 -13.13 -43.47 25.55
N SER A 197 -13.36 -42.28 25.01
CA SER A 197 -14.00 -41.22 25.79
C SER A 197 -15.52 -41.31 25.79
N LEU A 198 -16.11 -42.16 24.94
CA LEU A 198 -17.56 -42.16 24.76
C LEU A 198 -18.30 -42.59 26.01
N GLY A 199 -17.74 -43.53 26.78
CA GLY A 199 -18.43 -44.01 27.96
C GLY A 199 -18.46 -43.01 29.11
N THR A 200 -17.57 -42.02 29.10
CA THR A 200 -17.43 -41.12 30.24
C THR A 200 -17.65 -39.65 29.89
N GLN A 201 -17.24 -39.20 28.72
CA GLN A 201 -17.28 -37.77 28.43
C GLN A 201 -18.67 -37.34 27.95
N THR A 202 -18.94 -36.04 28.09
CA THR A 202 -20.21 -35.43 27.71
C THR A 202 -20.00 -34.54 26.50
N TYR A 203 -20.82 -34.74 25.47
CA TYR A 203 -20.73 -33.95 24.25
C TYR A 203 -22.08 -33.31 23.95
N ILE A 204 -22.12 -31.98 23.93
CA ILE A 204 -23.36 -31.24 23.77
C ILE A 204 -23.18 -30.26 22.62
N CYS A 205 -24.07 -30.32 21.63
CA CYS A 205 -24.03 -29.35 20.55
C CYS A 205 -25.02 -28.23 20.84
N ASN A 206 -24.57 -26.99 20.62
CA ASN A 206 -25.35 -25.80 20.90
C ASN A 206 -25.68 -25.14 19.56
N VAL A 207 -26.96 -24.96 19.29
CA VAL A 207 -27.42 -24.46 17.99
C VAL A 207 -28.19 -23.17 18.21
N ASN A 208 -27.73 -22.09 17.59
CA ASN A 208 -28.34 -20.78 17.71
C ASN A 208 -28.82 -20.35 16.33
N HIS A 209 -30.08 -19.93 16.24
CA HIS A 209 -30.68 -19.43 15.01
C HIS A 209 -31.32 -18.09 15.36
N LYS A 210 -30.58 -17.01 15.14
CA LYS A 210 -31.07 -15.68 15.53
C LYS A 210 -32.33 -15.24 14.82
N PRO A 211 -32.55 -15.48 13.51
CA PRO A 211 -33.80 -15.00 12.89
C PRO A 211 -35.06 -15.51 13.57
N SER A 212 -35.00 -16.69 14.19
CA SER A 212 -36.15 -17.24 14.90
C SER A 212 -36.02 -17.12 16.41
N ASN A 213 -34.95 -16.50 16.90
CA ASN A 213 -34.70 -16.35 18.33
C ASN A 213 -34.76 -17.71 19.04
N THR A 214 -34.10 -18.70 18.45
CA THR A 214 -34.08 -20.05 18.99
C THR A 214 -32.66 -20.46 19.38
N LYS A 215 -32.55 -21.09 20.54
CA LYS A 215 -31.29 -21.65 21.03
C LYS A 215 -31.55 -23.04 21.58
N VAL A 216 -30.82 -24.03 21.06
CA VAL A 216 -31.03 -25.43 21.41
C VAL A 216 -29.71 -26.04 21.84
N ASP A 217 -29.75 -26.80 22.94
CA ASP A 217 -28.63 -27.62 23.39
C ASP A 217 -29.07 -29.08 23.39
N LYS A 218 -28.28 -29.94 22.75
CA LYS A 218 -28.61 -31.34 22.64
C LYS A 218 -27.41 -32.18 23.07
N LYS A 219 -27.62 -33.07 24.02
CA LYS A 219 -26.57 -34.00 24.43
C LYS A 219 -26.57 -35.19 23.47
N VAL A 220 -25.38 -35.55 22.98
CA VAL A 220 -25.25 -36.60 21.99
C VAL A 220 -24.68 -37.82 22.70
N GLU A 221 -25.50 -38.87 22.84
CA GLU A 221 -25.09 -40.05 23.58
C GLU A 221 -24.93 -41.25 22.65
N PRO A 222 -23.99 -42.16 22.95
CA PRO A 222 -23.81 -43.40 22.19
C PRO A 222 -25.00 -44.35 22.28
N GLU B 1 -22.95 -9.68 -25.64
CA GLU B 1 -21.93 -9.44 -24.62
C GLU B 1 -20.65 -10.20 -24.97
N ILE B 2 -19.55 -9.81 -24.33
CA ILE B 2 -18.28 -10.51 -24.49
C ILE B 2 -18.20 -11.61 -23.44
N VAL B 3 -18.20 -12.85 -23.89
CA VAL B 3 -18.11 -14.00 -23.01
C VAL B 3 -16.64 -14.29 -22.72
N LEU B 4 -16.30 -14.39 -21.44
CA LEU B 4 -14.95 -14.74 -21.01
C LEU B 4 -14.95 -16.18 -20.51
N THR B 5 -14.18 -17.04 -21.17
CA THR B 5 -14.05 -18.44 -20.79
C THR B 5 -12.67 -18.68 -20.19
N GLN B 6 -12.64 -19.07 -18.92
CA GLN B 6 -11.38 -19.34 -18.24
C GLN B 6 -11.08 -20.83 -18.24
N SER B 7 -9.77 -21.14 -18.19
CA SER B 7 -9.26 -22.51 -18.18
C SER B 7 -7.99 -22.54 -17.36
N PRO B 8 -7.73 -23.64 -16.63
CA PRO B 8 -8.68 -24.75 -16.48
C PRO B 8 -9.71 -24.45 -15.41
N GLY B 9 -10.66 -25.35 -15.19
CA GLY B 9 -11.63 -25.12 -14.13
C GLY B 9 -11.01 -25.16 -12.75
N THR B 10 -10.17 -26.16 -12.51
CA THR B 10 -9.49 -26.31 -11.23
C THR B 10 -8.03 -26.66 -11.50
N LEU B 11 -7.13 -25.96 -10.80
CA LEU B 11 -5.69 -26.19 -10.91
C LEU B 11 -5.18 -26.63 -9.54
N SER B 12 -4.69 -27.86 -9.46
CA SER B 12 -4.18 -28.41 -8.20
C SER B 12 -2.66 -28.39 -8.25
N LEU B 13 -2.05 -27.55 -7.43
CA LEU B 13 -0.60 -27.38 -7.46
C LEU B 13 -0.05 -27.28 -6.05
N SER B 14 1.21 -27.70 -5.89
CA SER B 14 1.93 -27.60 -4.63
C SER B 14 2.52 -26.20 -4.46
N PRO B 15 2.67 -25.74 -3.22
CA PRO B 15 3.40 -24.50 -2.99
C PRO B 15 4.77 -24.55 -3.65
N GLY B 16 5.20 -23.41 -4.20
CA GLY B 16 6.44 -23.32 -4.92
C GLY B 16 6.33 -23.53 -6.41
N GLU B 17 5.24 -24.15 -6.88
CA GLU B 17 5.10 -24.41 -8.31
C GLU B 17 4.52 -23.18 -9.02
N ARG B 18 4.55 -23.23 -10.35
CA ARG B 18 4.06 -22.13 -11.19
C ARG B 18 2.65 -22.43 -11.69
N ALA B 19 1.76 -21.46 -11.56
CA ALA B 19 0.39 -21.55 -12.02
C ALA B 19 0.19 -20.66 -13.24
N THR B 20 -0.40 -21.23 -14.29
CA THR B 20 -0.73 -20.49 -15.51
C THR B 20 -2.23 -20.60 -15.75
N LEU B 21 -2.90 -19.44 -15.76
CA LEU B 21 -4.34 -19.37 -15.88
C LEU B 21 -4.70 -18.64 -17.17
N SER B 22 -5.70 -19.16 -17.89
CA SER B 22 -6.07 -18.64 -19.19
C SER B 22 -7.46 -18.01 -19.14
N CYS B 23 -7.64 -16.97 -19.96
CA CYS B 23 -8.91 -16.27 -20.09
C CYS B 23 -9.10 -15.97 -21.57
N ARG B 24 -10.16 -16.51 -22.15
CA ARG B 24 -10.42 -16.39 -23.59
C ARG B 24 -11.69 -15.58 -23.80
N ALA B 25 -11.61 -14.60 -24.69
CA ALA B 25 -12.72 -13.69 -24.96
C ALA B 25 -13.40 -14.03 -26.28
N SER B 26 -14.74 -13.94 -26.28
CA SER B 26 -15.50 -14.27 -27.50
C SER B 26 -15.22 -13.28 -28.62
N GLN B 27 -14.68 -12.10 -28.31
CA GLN B 27 -14.16 -11.19 -29.31
C GLN B 27 -13.05 -10.36 -28.67
N SER B 28 -12.27 -9.70 -29.51
CA SER B 28 -11.04 -9.07 -29.04
C SER B 28 -11.33 -7.97 -28.02
N VAL B 29 -10.42 -7.85 -27.05
CA VAL B 29 -10.53 -6.87 -25.98
C VAL B 29 -9.22 -6.11 -25.90
N SER B 30 -9.30 -4.79 -25.84
CA SER B 30 -8.08 -4.01 -25.62
C SER B 30 -7.50 -4.36 -24.26
N SER B 31 -6.17 -4.57 -24.22
CA SER B 31 -5.53 -4.99 -22.98
C SER B 31 -5.71 -3.98 -21.86
N THR B 32 -5.93 -2.71 -22.18
CA THR B 32 -6.20 -1.69 -21.18
C THR B 32 -7.42 -2.03 -20.33
N TYR B 33 -8.34 -2.85 -20.84
CA TYR B 33 -9.64 -3.05 -20.21
C TYR B 33 -9.84 -4.47 -19.66
N LEU B 34 -8.76 -5.18 -19.34
CA LEU B 34 -8.86 -6.53 -18.77
C LEU B 34 -8.23 -6.54 -17.39
N ALA B 35 -8.95 -7.11 -16.41
CA ALA B 35 -8.48 -7.17 -15.05
C ALA B 35 -8.61 -8.59 -14.50
N TRP B 36 -7.86 -8.86 -13.43
CA TRP B 36 -7.91 -10.13 -12.74
C TRP B 36 -8.20 -9.90 -11.26
N TYR B 37 -9.03 -10.77 -10.69
CA TYR B 37 -9.44 -10.67 -9.30
C TYR B 37 -9.18 -11.99 -8.58
N GLN B 38 -8.86 -11.88 -7.30
CA GLN B 38 -8.62 -13.03 -6.43
C GLN B 38 -9.74 -13.10 -5.41
N GLN B 39 -10.32 -14.28 -5.22
CA GLN B 39 -11.36 -14.43 -4.21
C GLN B 39 -11.18 -15.74 -3.48
N LYS B 40 -11.24 -15.67 -2.17
CA LYS B 40 -11.19 -16.82 -1.29
C LYS B 40 -12.57 -17.04 -0.66
N PRO B 41 -12.91 -18.27 -0.28
CA PRO B 41 -14.26 -18.54 0.21
C PRO B 41 -14.61 -17.70 1.43
N GLY B 42 -15.83 -17.15 1.42
CA GLY B 42 -16.28 -16.27 2.47
C GLY B 42 -15.76 -14.85 2.40
N GLN B 43 -14.97 -14.53 1.38
CA GLN B 43 -14.33 -13.22 1.28
C GLN B 43 -14.71 -12.54 -0.02
N ALA B 44 -14.71 -11.21 0.00
CA ALA B 44 -14.94 -10.45 -1.20
C ALA B 44 -13.75 -10.58 -2.15
N PRO B 45 -13.96 -10.39 -3.45
CA PRO B 45 -12.83 -10.36 -4.37
C PRO B 45 -11.90 -9.21 -4.05
N ARG B 46 -10.66 -9.32 -4.54
CA ARG B 46 -9.73 -8.21 -4.49
C ARG B 46 -8.99 -8.10 -5.81
N LEU B 47 -8.70 -6.86 -6.21
CA LEU B 47 -8.04 -6.62 -7.48
C LEU B 47 -6.60 -7.11 -7.44
N LEU B 48 -6.18 -7.83 -8.48
CA LEU B 48 -4.81 -8.27 -8.65
C LEU B 48 -4.10 -7.50 -9.76
N ILE B 49 -4.62 -7.61 -10.97
CA ILE B 49 -4.02 -7.04 -12.17
C ILE B 49 -5.09 -6.22 -12.87
N TYR B 50 -4.73 -5.03 -13.32
CA TYR B 50 -5.58 -4.23 -14.19
C TYR B 50 -4.81 -3.87 -15.45
N GLY B 51 -5.55 -3.57 -16.51
CA GLY B 51 -4.88 -3.27 -17.78
C GLY B 51 -4.04 -4.41 -18.27
N ALA B 52 -4.50 -5.65 -18.05
CA ALA B 52 -3.88 -6.89 -18.48
C ALA B 52 -2.57 -7.19 -17.77
N SER B 53 -1.78 -6.16 -17.43
CA SER B 53 -0.41 -6.42 -16.97
C SER B 53 0.05 -5.60 -15.78
N SER B 54 -0.74 -4.67 -15.25
CA SER B 54 -0.32 -3.80 -14.16
C SER B 54 -0.77 -4.37 -12.82
N ARG B 55 0.15 -4.49 -11.88
CA ARG B 55 -0.19 -4.99 -10.56
C ARG B 55 -0.85 -3.91 -9.71
N ALA B 56 -1.93 -4.29 -9.02
CA ALA B 56 -2.53 -3.41 -8.04
C ALA B 56 -1.60 -3.25 -6.84
N THR B 57 -1.86 -2.23 -6.03
CA THR B 57 -0.96 -1.93 -4.94
C THR B 57 -0.95 -3.07 -3.92
N GLY B 58 0.25 -3.42 -3.45
CA GLY B 58 0.43 -4.49 -2.51
C GLY B 58 0.39 -5.88 -3.08
N ILE B 59 0.42 -6.02 -4.41
CA ILE B 59 0.41 -7.33 -5.06
C ILE B 59 1.86 -7.74 -5.30
N PRO B 60 2.30 -8.90 -4.80
CA PRO B 60 3.72 -9.27 -4.91
C PRO B 60 4.14 -9.48 -6.35
N ASP B 61 5.47 -9.46 -6.54
CA ASP B 61 6.05 -9.57 -7.88
C ASP B 61 5.74 -10.90 -8.55
N ARG B 62 5.43 -11.95 -7.79
CA ARG B 62 5.21 -13.26 -8.41
C ARG B 62 3.94 -13.32 -9.24
N PHE B 63 3.06 -12.32 -9.14
CA PHE B 63 1.89 -12.22 -10.00
C PHE B 63 2.22 -11.38 -11.22
N SER B 64 1.94 -11.91 -12.41
CA SER B 64 2.12 -11.17 -13.63
C SER B 64 1.02 -11.52 -14.62
N GLY B 65 0.56 -10.53 -15.37
CA GLY B 65 -0.49 -10.71 -16.34
C GLY B 65 0.02 -10.32 -17.72
N SER B 66 -0.51 -11.00 -18.74
CA SER B 66 -0.11 -10.73 -20.10
C SER B 66 -1.24 -11.12 -21.04
N GLY B 67 -1.10 -10.78 -22.30
CA GLY B 67 -2.04 -11.16 -23.33
C GLY B 67 -2.58 -9.96 -24.09
N SER B 68 -3.34 -10.29 -25.13
CA SER B 68 -3.95 -9.31 -26.03
C SER B 68 -4.93 -10.06 -26.92
N GLY B 69 -5.68 -9.30 -27.71
CA GLY B 69 -6.67 -9.88 -28.59
C GLY B 69 -7.77 -10.61 -27.83
N THR B 70 -7.84 -11.93 -27.98
CA THR B 70 -8.84 -12.73 -27.30
C THR B 70 -8.25 -13.67 -26.25
N ASP B 71 -6.97 -13.53 -25.94
CA ASP B 71 -6.28 -14.50 -25.09
C ASP B 71 -5.47 -13.77 -24.04
N PHE B 72 -5.79 -14.01 -22.77
CA PHE B 72 -5.09 -13.35 -21.67
C PHE B 72 -4.69 -14.39 -20.64
N THR B 73 -3.56 -14.14 -19.98
CA THR B 73 -2.93 -15.10 -19.09
C THR B 73 -2.58 -14.43 -17.78
N LEU B 74 -2.79 -15.15 -16.68
CA LEU B 74 -2.30 -14.76 -15.37
C LEU B 74 -1.33 -15.83 -14.91
N THR B 75 -0.09 -15.43 -14.61
CA THR B 75 0.94 -16.35 -14.14
C THR B 75 1.29 -16.04 -12.69
N ILE B 76 1.28 -17.07 -11.85
CA ILE B 76 1.77 -16.99 -10.48
C ILE B 76 3.01 -17.89 -10.44
N SER B 77 4.19 -17.27 -10.37
CA SER B 77 5.41 -17.98 -10.71
C SER B 77 5.85 -18.96 -9.62
N ARG B 78 5.67 -18.62 -8.35
CA ARG B 78 6.14 -19.47 -7.25
C ARG B 78 5.09 -19.40 -6.15
N LEU B 79 4.13 -20.32 -6.20
CA LEU B 79 2.95 -20.27 -5.35
C LEU B 79 3.33 -20.26 -3.87
N GLU B 80 2.77 -19.31 -3.14
CA GLU B 80 2.80 -19.27 -1.69
C GLU B 80 1.48 -19.79 -1.14
N PRO B 81 1.45 -20.24 0.12
CA PRO B 81 0.20 -20.77 0.68
C PRO B 81 -0.99 -19.81 0.55
N GLU B 82 -0.76 -18.50 0.64
CA GLU B 82 -1.87 -17.55 0.58
C GLU B 82 -2.33 -17.24 -0.85
N ASP B 83 -1.69 -17.82 -1.86
CA ASP B 83 -2.10 -17.58 -3.24
C ASP B 83 -3.20 -18.53 -3.72
N PHE B 84 -3.54 -19.55 -2.94
CA PHE B 84 -4.54 -20.51 -3.38
C PHE B 84 -5.94 -19.94 -3.16
N ALA B 85 -6.69 -19.84 -4.25
CA ALA B 85 -7.93 -19.07 -4.29
C ALA B 85 -8.58 -19.26 -5.65
N VAL B 86 -9.74 -18.64 -5.85
CA VAL B 86 -10.37 -18.59 -7.17
C VAL B 86 -9.95 -17.28 -7.83
N TYR B 87 -9.65 -17.33 -9.13
CA TYR B 87 -9.26 -16.15 -9.87
C TYR B 87 -10.26 -15.90 -10.99
N TYR B 88 -10.71 -14.65 -11.09
CA TYR B 88 -11.66 -14.21 -12.12
C TYR B 88 -11.00 -13.17 -13.01
N CYS B 89 -11.17 -13.31 -14.32
CA CYS B 89 -10.86 -12.23 -15.22
C CYS B 89 -12.12 -11.42 -15.50
N GLN B 90 -11.92 -10.20 -15.97
CA GLN B 90 -13.01 -9.26 -16.20
C GLN B 90 -12.62 -8.35 -17.36
N GLN B 91 -13.58 -8.04 -18.23
CA GLN B 91 -13.38 -7.00 -19.22
C GLN B 91 -14.36 -5.87 -18.92
N TYR B 92 -13.87 -4.63 -19.04
CA TYR B 92 -14.71 -3.46 -18.84
C TYR B 92 -14.59 -2.48 -20.00
N GLY B 93 -14.16 -2.94 -21.17
CA GLY B 93 -14.11 -2.12 -22.36
C GLY B 93 -15.36 -2.15 -23.22
N SER B 94 -16.29 -3.05 -22.93
CA SER B 94 -17.50 -3.20 -23.69
C SER B 94 -18.67 -3.37 -22.73
N SER B 95 -19.83 -2.86 -23.14
CA SER B 95 -21.00 -2.96 -22.27
C SER B 95 -21.86 -4.14 -22.71
N PRO B 96 -22.23 -5.05 -21.80
CA PRO B 96 -21.97 -4.99 -20.36
C PRO B 96 -20.57 -5.45 -19.95
N TRP B 97 -20.09 -4.93 -18.81
CA TRP B 97 -18.92 -5.52 -18.18
C TRP B 97 -19.21 -6.99 -17.85
N THR B 98 -18.24 -7.86 -18.12
CA THR B 98 -18.45 -9.28 -17.89
C THR B 98 -17.23 -9.89 -17.19
N PHE B 99 -17.50 -10.98 -16.47
CA PHE B 99 -16.49 -11.75 -15.77
C PHE B 99 -16.40 -13.15 -16.37
N GLY B 100 -15.23 -13.75 -16.27
CA GLY B 100 -15.09 -15.17 -16.53
C GLY B 100 -15.71 -15.99 -15.41
N GLN B 101 -15.79 -17.30 -15.64
CA GLN B 101 -16.45 -18.15 -14.65
C GLN B 101 -15.52 -18.55 -13.51
N GLY B 102 -14.25 -18.20 -13.59
CA GLY B 102 -13.34 -18.43 -12.48
C GLY B 102 -12.52 -19.68 -12.66
N THR B 103 -11.29 -19.64 -12.13
CA THR B 103 -10.42 -20.81 -12.05
C THR B 103 -10.01 -21.00 -10.60
N LYS B 104 -10.28 -22.18 -10.05
CA LYS B 104 -9.87 -22.49 -8.68
C LYS B 104 -8.45 -23.00 -8.71
N VAL B 105 -7.57 -22.34 -7.98
CA VAL B 105 -6.21 -22.81 -7.74
C VAL B 105 -6.21 -23.39 -6.33
N GLU B 106 -6.25 -24.71 -6.22
CA GLU B 106 -6.28 -25.36 -4.92
C GLU B 106 -4.91 -25.93 -4.58
N ILE B 107 -4.61 -25.98 -3.29
CA ILE B 107 -3.32 -26.48 -2.82
C ILE B 107 -3.32 -28.01 -2.88
N LYS B 108 -2.30 -28.56 -3.52
CA LYS B 108 -2.16 -30.01 -3.62
C LYS B 108 -1.37 -30.53 -2.43
N ARG B 109 -1.93 -31.51 -1.75
CA ARG B 109 -1.26 -32.21 -0.65
C ARG B 109 -1.21 -33.70 -0.99
N THR B 110 -0.58 -34.48 -0.13
CA THR B 110 -0.52 -35.92 -0.38
C THR B 110 -1.91 -36.54 -0.22
N VAL B 111 -2.10 -37.68 -0.88
CA VAL B 111 -3.40 -38.32 -0.93
C VAL B 111 -3.77 -38.85 0.45
N ALA B 112 -5.00 -38.61 0.87
CA ALA B 112 -5.52 -39.13 2.13
C ALA B 112 -6.90 -39.71 1.87
N ALA B 113 -7.06 -41.01 2.13
CA ALA B 113 -8.36 -41.65 1.95
C ALA B 113 -9.30 -41.24 3.09
N PRO B 114 -10.59 -41.12 2.81
CA PRO B 114 -11.53 -40.71 3.86
C PRO B 114 -11.72 -41.79 4.91
N SER B 115 -11.92 -41.36 6.15
CA SER B 115 -12.50 -42.19 7.18
C SER B 115 -14.01 -42.09 7.06
N VAL B 116 -14.69 -43.22 7.18
CA VAL B 116 -16.11 -43.31 6.88
C VAL B 116 -16.84 -43.67 8.18
N PHE B 117 -17.97 -42.97 8.42
CA PHE B 117 -18.82 -43.21 9.57
C PHE B 117 -20.27 -43.15 9.10
N ILE B 118 -21.13 -43.96 9.72
CA ILE B 118 -22.56 -43.92 9.42
C ILE B 118 -23.32 -43.69 10.71
N PHE B 119 -24.42 -42.93 10.60
CA PHE B 119 -25.25 -42.58 11.75
C PHE B 119 -26.70 -42.98 11.48
N PRO B 120 -27.31 -43.78 12.34
CA PRO B 120 -28.75 -44.08 12.19
C PRO B 120 -29.60 -42.89 12.61
N PRO B 121 -30.89 -42.88 12.26
CA PRO B 121 -31.76 -41.80 12.74
C PRO B 121 -31.96 -41.88 14.23
N SER B 122 -32.23 -40.73 14.84
CA SER B 122 -32.50 -40.67 16.27
C SER B 122 -33.93 -41.09 16.57
N ASP B 123 -34.13 -41.61 17.79
CA ASP B 123 -35.48 -41.97 18.23
C ASP B 123 -36.40 -40.75 18.22
N GLU B 124 -35.86 -39.58 18.56
CA GLU B 124 -36.66 -38.35 18.55
C GLU B 124 -37.19 -38.06 17.14
N GLN B 125 -36.32 -38.12 16.14
CA GLN B 125 -36.77 -37.84 14.78
C GLN B 125 -37.77 -38.88 14.29
N LEU B 126 -37.51 -40.16 14.56
CA LEU B 126 -38.42 -41.22 14.13
C LEU B 126 -39.83 -41.00 14.66
N LYS B 127 -39.95 -40.48 15.88
CA LYS B 127 -41.27 -40.16 16.44
C LYS B 127 -42.02 -39.14 15.59
N SER B 128 -41.31 -38.27 14.88
CA SER B 128 -41.94 -37.27 14.05
C SER B 128 -42.30 -37.77 12.65
N GLY B 129 -41.99 -39.02 12.32
CA GLY B 129 -42.38 -39.59 11.04
C GLY B 129 -41.35 -39.46 9.93
N THR B 130 -40.13 -39.03 10.24
CA THR B 130 -39.07 -38.90 9.25
C THR B 130 -37.85 -39.63 9.76
N ALA B 131 -37.08 -40.22 8.85
CA ALA B 131 -35.84 -40.91 9.19
C ALA B 131 -34.73 -40.36 8.32
N SER B 132 -33.74 -39.73 8.95
CA SER B 132 -32.56 -39.26 8.27
C SER B 132 -31.37 -40.14 8.64
N VAL B 133 -30.71 -40.68 7.63
CA VAL B 133 -29.50 -41.49 7.80
C VAL B 133 -28.34 -40.72 7.20
N VAL B 134 -27.25 -40.60 7.95
CA VAL B 134 -26.13 -39.75 7.56
C VAL B 134 -24.87 -40.60 7.41
N CYS B 135 -24.15 -40.38 6.31
CA CYS B 135 -22.84 -40.98 6.06
C CYS B 135 -21.80 -39.87 6.01
N LEU B 136 -20.71 -40.05 6.76
CA LEU B 136 -19.67 -39.03 6.88
C LEU B 136 -18.36 -39.53 6.28
N LEU B 137 -17.80 -38.75 5.36
CA LEU B 137 -16.45 -38.97 4.83
C LEU B 137 -15.56 -37.87 5.36
N ASN B 138 -14.54 -38.22 6.13
CA ASN B 138 -13.80 -37.25 6.91
C ASN B 138 -12.34 -37.18 6.47
N ASN B 139 -11.86 -35.95 6.23
CA ASN B 139 -10.43 -35.64 6.10
C ASN B 139 -9.78 -36.42 4.95
N PHE B 140 -10.25 -36.15 3.73
CA PHE B 140 -9.72 -36.82 2.56
C PHE B 140 -9.24 -35.81 1.51
N TYR B 141 -8.34 -36.29 0.64
CA TYR B 141 -7.80 -35.52 -0.47
C TYR B 141 -7.30 -36.51 -1.51
N PRO B 142 -7.56 -36.30 -2.81
CA PRO B 142 -8.26 -35.16 -3.44
C PRO B 142 -9.77 -35.13 -3.23
N ARG B 143 -10.42 -34.13 -3.84
CA ARG B 143 -11.81 -33.82 -3.49
C ARG B 143 -12.80 -34.84 -4.04
N GLU B 144 -12.46 -35.49 -5.16
CA GLU B 144 -13.43 -36.36 -5.83
C GLU B 144 -13.68 -37.63 -5.01
N ALA B 145 -14.96 -37.94 -4.82
CA ALA B 145 -15.36 -39.12 -4.06
C ALA B 145 -16.76 -39.50 -4.51
N LYS B 146 -17.12 -40.76 -4.27
CA LYS B 146 -18.46 -41.25 -4.58
C LYS B 146 -19.05 -41.95 -3.37
N VAL B 147 -20.30 -41.63 -3.06
CA VAL B 147 -21.06 -42.27 -1.98
C VAL B 147 -22.27 -42.92 -2.62
N GLN B 148 -22.47 -44.20 -2.34
CA GLN B 148 -23.65 -44.92 -2.80
C GLN B 148 -24.36 -45.51 -1.59
N TRP B 149 -25.68 -45.35 -1.57
CA TRP B 149 -26.51 -45.90 -0.51
C TRP B 149 -27.05 -47.26 -0.92
N LYS B 150 -26.91 -48.24 -0.03
CA LYS B 150 -27.44 -49.57 -0.23
C LYS B 150 -28.39 -49.90 0.92
N VAL B 151 -29.58 -50.37 0.57
CA VAL B 151 -30.63 -50.67 1.54
C VAL B 151 -31.04 -52.12 1.35
N ASP B 152 -30.83 -52.93 2.38
CA ASP B 152 -30.92 -54.40 2.27
C ASP B 152 -30.10 -54.90 1.09
N ASN B 153 -28.89 -54.37 0.95
CA ASN B 153 -27.92 -54.71 -0.09
C ASN B 153 -28.40 -54.32 -1.49
N ALA B 154 -29.46 -53.53 -1.58
CA ALA B 154 -30.00 -53.02 -2.85
C ALA B 154 -29.64 -51.55 -3.00
N LEU B 155 -29.09 -51.19 -4.16
CA LEU B 155 -28.67 -49.82 -4.39
C LEU B 155 -29.87 -48.87 -4.37
N GLN B 156 -29.77 -47.83 -3.54
CA GLN B 156 -30.77 -46.78 -3.43
C GLN B 156 -30.23 -45.54 -4.14
N SER B 157 -30.85 -45.16 -5.26
CA SER B 157 -30.34 -44.06 -6.07
C SER B 157 -30.98 -42.71 -5.77
N GLY B 158 -32.07 -42.66 -5.02
CA GLY B 158 -32.69 -41.37 -4.76
C GLY B 158 -32.68 -40.94 -3.30
N ASN B 159 -33.36 -39.82 -3.01
CA ASN B 159 -33.66 -39.40 -1.65
C ASN B 159 -32.43 -39.03 -0.83
N SER B 160 -31.34 -38.59 -1.47
CA SER B 160 -30.13 -38.22 -0.76
C SER B 160 -29.62 -36.87 -1.23
N GLN B 161 -28.82 -36.22 -0.37
CA GLN B 161 -28.17 -34.95 -0.65
C GLN B 161 -26.77 -34.95 -0.05
N GLU B 162 -25.86 -34.23 -0.68
CA GLU B 162 -24.47 -34.15 -0.25
C GLU B 162 -24.08 -32.72 0.11
N SER B 163 -23.11 -32.61 1.02
CA SER B 163 -22.47 -31.35 1.36
C SER B 163 -20.99 -31.61 1.53
N VAL B 164 -20.16 -30.72 0.96
CA VAL B 164 -18.71 -30.81 1.07
C VAL B 164 -18.19 -29.54 1.72
N THR B 165 -17.23 -29.69 2.62
CA THR B 165 -16.60 -28.52 3.23
C THR B 165 -15.66 -27.87 2.23
N GLU B 166 -15.31 -26.62 2.51
CA GLU B 166 -14.18 -26.02 1.83
C GLU B 166 -12.91 -26.74 2.25
N GLN B 167 -11.87 -26.61 1.44
CA GLN B 167 -10.60 -27.24 1.79
C GLN B 167 -10.12 -26.69 3.14
N ASP B 168 -9.77 -27.59 4.04
CA ASP B 168 -9.38 -27.18 5.39
C ASP B 168 -8.11 -26.34 5.34
N SER B 169 -8.14 -25.19 6.03
CA SER B 169 -7.02 -24.26 5.96
C SER B 169 -5.78 -24.75 6.70
N LYS B 170 -5.89 -25.80 7.52
CA LYS B 170 -4.76 -26.31 8.26
C LYS B 170 -4.13 -27.54 7.61
N ASP B 171 -4.92 -28.56 7.27
CA ASP B 171 -4.37 -29.78 6.71
C ASP B 171 -4.82 -30.02 5.26
N SER B 172 -5.48 -29.04 4.63
CA SER B 172 -5.77 -29.05 3.20
C SER B 172 -6.66 -30.21 2.78
N THR B 173 -7.43 -30.77 3.70
CA THR B 173 -8.31 -31.90 3.37
C THR B 173 -9.76 -31.43 3.21
N TYR B 174 -10.58 -32.35 2.72
CA TYR B 174 -12.01 -32.13 2.58
C TYR B 174 -12.75 -33.14 3.46
N SER B 175 -13.98 -32.77 3.81
CA SER B 175 -14.92 -33.71 4.42
C SER B 175 -16.26 -33.59 3.71
N LEU B 176 -17.02 -34.67 3.72
CA LEU B 176 -18.26 -34.75 2.97
C LEU B 176 -19.30 -35.48 3.79
N SER B 177 -20.55 -35.01 3.71
CA SER B 177 -21.68 -35.68 4.33
C SER B 177 -22.68 -36.05 3.25
N SER B 178 -23.25 -37.25 3.36
CA SER B 178 -24.38 -37.66 2.54
C SER B 178 -25.52 -38.03 3.46
N THR B 179 -26.70 -37.46 3.20
CA THR B 179 -27.86 -37.63 4.07
C THR B 179 -28.98 -38.24 3.25
N LEU B 180 -29.41 -39.44 3.63
CA LEU B 180 -30.54 -40.13 3.03
C LEU B 180 -31.77 -39.87 3.88
N THR B 181 -32.83 -39.34 3.28
CA THR B 181 -34.03 -38.96 4.02
C THR B 181 -35.23 -39.74 3.49
N LEU B 182 -35.86 -40.52 4.37
CA LEU B 182 -37.03 -41.34 4.05
C LEU B 182 -38.12 -41.08 5.07
N SER B 183 -39.36 -41.39 4.68
CA SER B 183 -40.43 -41.40 5.66
C SER B 183 -40.23 -42.57 6.64
N LYS B 184 -40.86 -42.45 7.80
CA LYS B 184 -40.77 -43.51 8.81
C LYS B 184 -41.31 -44.83 8.25
N ALA B 185 -42.37 -44.75 7.43
CA ALA B 185 -42.95 -45.95 6.84
C ALA B 185 -41.96 -46.64 5.90
N ASP B 186 -41.31 -45.87 5.03
CA ASP B 186 -40.34 -46.46 4.11
C ASP B 186 -39.12 -46.97 4.87
N TYR B 187 -38.69 -46.25 5.90
CA TYR B 187 -37.53 -46.68 6.69
C TYR B 187 -37.77 -48.04 7.33
N GLU B 188 -39.00 -48.29 7.81
CA GLU B 188 -39.31 -49.53 8.50
C GLU B 188 -39.58 -50.70 7.55
N LYS B 189 -39.49 -50.49 6.23
CA LYS B 189 -39.62 -51.59 5.28
C LYS B 189 -38.32 -52.35 5.08
N HIS B 190 -37.21 -51.91 5.67
CA HIS B 190 -35.91 -52.50 5.40
C HIS B 190 -35.10 -52.65 6.68
N LYS B 191 -34.15 -53.58 6.63
CA LYS B 191 -33.35 -53.96 7.80
C LYS B 191 -31.99 -53.28 7.81
N VAL B 192 -31.19 -53.48 6.75
CA VAL B 192 -29.80 -53.07 6.71
C VAL B 192 -29.66 -51.78 5.91
N TYR B 193 -29.04 -50.77 6.50
CA TYR B 193 -28.72 -49.52 5.83
C TYR B 193 -27.21 -49.36 5.75
N ALA B 194 -26.70 -49.04 4.57
CA ALA B 194 -25.27 -48.98 4.37
C ALA B 194 -24.92 -47.88 3.37
N CYS B 195 -23.76 -47.27 3.56
CA CYS B 195 -23.17 -46.39 2.56
C CYS B 195 -21.84 -46.98 2.11
N GLU B 196 -21.61 -46.95 0.81
CA GLU B 196 -20.41 -47.49 0.19
C GLU B 196 -19.63 -46.35 -0.46
N VAL B 197 -18.36 -46.23 -0.11
CA VAL B 197 -17.55 -45.07 -0.45
C VAL B 197 -16.38 -45.50 -1.31
N THR B 198 -16.15 -44.77 -2.41
CA THR B 198 -14.95 -44.93 -3.21
C THR B 198 -14.21 -43.60 -3.27
N HIS B 199 -12.90 -43.69 -3.47
CA HIS B 199 -12.01 -42.56 -3.50
C HIS B 199 -10.72 -43.06 -4.12
N GLN B 200 -10.03 -42.19 -4.87
CA GLN B 200 -8.83 -42.66 -5.56
C GLN B 200 -7.78 -43.17 -4.58
N GLY B 201 -7.82 -42.75 -3.32
CA GLY B 201 -6.91 -43.28 -2.33
C GLY B 201 -7.32 -44.60 -1.71
N LEU B 202 -8.52 -45.10 -2.03
CA LEU B 202 -8.98 -46.40 -1.56
C LEU B 202 -8.84 -47.42 -2.68
N SER B 203 -8.19 -48.54 -2.40
CA SER B 203 -8.04 -49.57 -3.42
C SER B 203 -9.36 -50.26 -3.76
N SER B 204 -10.31 -50.25 -2.85
CA SER B 204 -11.62 -50.86 -3.07
C SER B 204 -12.62 -50.16 -2.18
N PRO B 205 -13.92 -50.30 -2.44
CA PRO B 205 -14.92 -49.55 -1.68
C PRO B 205 -14.92 -49.88 -0.20
N VAL B 206 -15.22 -48.86 0.62
CA VAL B 206 -15.37 -48.99 2.07
C VAL B 206 -16.84 -48.89 2.41
N THR B 207 -17.34 -49.85 3.19
CA THR B 207 -18.75 -49.90 3.56
C THR B 207 -18.90 -49.79 5.07
N LYS B 208 -19.84 -48.94 5.50
CA LYS B 208 -20.31 -48.91 6.89
C LYS B 208 -21.81 -49.12 6.87
N SER B 209 -22.30 -49.88 7.85
CA SER B 209 -23.70 -50.27 7.85
C SER B 209 -24.21 -50.41 9.27
N PHE B 210 -25.53 -50.45 9.40
CA PHE B 210 -26.18 -50.78 10.65
C PHE B 210 -27.48 -51.51 10.34
N ASN B 211 -27.98 -52.21 11.36
CA ASN B 211 -29.29 -52.85 11.29
C ASN B 211 -30.31 -51.98 11.99
N ARG B 212 -31.43 -51.71 11.33
CA ARG B 212 -32.47 -50.89 11.92
C ARG B 212 -32.96 -51.51 13.22
N GLY B 213 -32.84 -50.77 14.31
CA GLY B 213 -33.27 -51.28 15.61
C GLY B 213 -32.25 -52.17 16.29
N GLU B 214 -31.05 -51.63 16.55
CA GLU B 214 -30.03 -52.38 17.26
C GLU B 214 -29.17 -51.46 18.13
N GLU C 1 31.15 -0.27 -6.98
CA GLU C 1 30.21 0.77 -6.61
C GLU C 1 29.06 0.17 -5.80
N VAL C 2 28.84 0.70 -4.60
CA VAL C 2 27.78 0.22 -3.73
C VAL C 2 26.45 0.73 -4.27
N GLN C 3 25.49 -0.17 -4.45
CA GLN C 3 24.15 0.18 -4.90
C GLN C 3 23.13 -0.40 -3.94
N LEU C 4 22.17 0.44 -3.53
CA LEU C 4 21.09 0.09 -2.61
C LEU C 4 19.80 0.63 -3.23
N VAL C 5 19.16 -0.18 -4.08
CA VAL C 5 18.06 0.27 -4.92
C VAL C 5 16.76 -0.05 -4.19
N GLU C 6 16.13 0.96 -3.61
CA GLU C 6 14.85 0.78 -2.95
C GLU C 6 13.73 0.68 -3.98
N SER C 7 12.74 -0.17 -3.70
CA SER C 7 11.56 -0.28 -4.55
C SER C 7 10.37 -0.69 -3.70
N GLY C 8 9.18 -0.60 -4.28
CA GLY C 8 7.97 -0.96 -3.61
C GLY C 8 7.22 0.17 -2.93
N GLY C 9 7.73 1.39 -3.03
CA GLY C 9 7.09 2.53 -2.42
C GLY C 9 5.89 3.00 -3.22
N GLY C 10 5.44 4.21 -2.92
CA GLY C 10 4.30 4.78 -3.62
C GLY C 10 3.13 5.08 -2.70
N LEU C 11 1.94 5.14 -3.26
CA LEU C 11 0.73 5.54 -2.54
C LEU C 11 0.13 4.35 -1.81
N VAL C 12 -0.25 4.55 -0.56
CA VAL C 12 -0.86 3.49 0.25
C VAL C 12 -1.92 4.09 1.15
N GLN C 13 -3.02 3.37 1.34
CA GLN C 13 -4.10 3.85 2.20
C GLN C 13 -3.71 3.80 3.67
N PRO C 14 -4.19 4.75 4.48
CA PRO C 14 -4.00 4.64 5.93
C PRO C 14 -4.55 3.31 6.44
N GLY C 15 -3.79 2.68 7.33
CA GLY C 15 -4.18 1.40 7.86
C GLY C 15 -3.72 0.20 7.07
N ARG C 16 -3.23 0.41 5.84
CA ARG C 16 -2.82 -0.70 5.00
C ARG C 16 -1.37 -1.06 5.28
N SER C 17 -0.87 -2.07 4.55
CA SER C 17 0.49 -2.53 4.70
C SER C 17 1.26 -2.31 3.40
N LEU C 18 2.58 -2.20 3.53
CA LEU C 18 3.45 -2.02 2.39
C LEU C 18 4.79 -2.67 2.70
N ARG C 19 5.35 -3.38 1.73
CA ARG C 19 6.67 -3.97 1.86
C ARG C 19 7.62 -3.26 0.91
N LEU C 20 8.68 -2.66 1.46
CA LEU C 20 9.75 -2.09 0.66
C LEU C 20 10.87 -3.10 0.44
N SER C 21 11.50 -3.01 -0.73
CA SER C 21 12.62 -3.87 -1.09
C SER C 21 13.87 -3.00 -1.27
N CYS C 22 15.00 -3.53 -0.84
CA CYS C 22 16.31 -2.92 -1.09
C CYS C 22 17.16 -3.95 -1.81
N THR C 23 17.33 -3.79 -3.12
CA THR C 23 18.14 -4.71 -3.90
C THR C 23 19.58 -4.20 -3.90
N ALA C 24 20.47 -4.94 -3.24
CA ALA C 24 21.85 -4.51 -3.04
C ALA C 24 22.78 -5.16 -4.06
N SER C 25 23.84 -4.43 -4.39
CA SER C 25 24.88 -4.98 -5.25
C SER C 25 26.17 -4.18 -5.02
N GLY C 26 27.26 -4.73 -5.54
CA GLY C 26 28.55 -4.09 -5.41
C GLY C 26 29.25 -4.31 -4.09
N PHE C 27 28.85 -5.34 -3.33
CA PHE C 27 29.50 -5.68 -2.07
C PHE C 27 28.93 -7.02 -1.61
N THR C 28 29.56 -7.58 -0.57
CA THR C 28 29.19 -8.89 -0.03
C THR C 28 28.01 -8.71 0.94
N PHE C 29 26.80 -8.73 0.38
CA PHE C 29 25.59 -8.35 1.13
C PHE C 29 25.47 -9.12 2.45
N GLY C 30 25.73 -10.42 2.43
CA GLY C 30 25.57 -11.26 3.60
C GLY C 30 26.43 -10.88 4.79
N ASP C 31 27.52 -10.13 4.58
CA ASP C 31 28.41 -9.77 5.67
C ASP C 31 27.88 -8.66 6.56
N TYR C 32 26.94 -7.86 6.09
CA TYR C 32 26.62 -6.56 6.69
C TYR C 32 25.25 -6.55 7.35
N ALA C 33 25.15 -5.83 8.46
CA ALA C 33 23.86 -5.37 8.93
C ALA C 33 23.31 -4.33 7.96
N MET C 34 21.99 -4.29 7.85
CA MET C 34 21.29 -3.31 7.03
C MET C 34 20.29 -2.57 7.90
N SER C 35 20.08 -1.30 7.59
CA SER C 35 19.23 -0.44 8.40
C SER C 35 18.36 0.42 7.50
N TRP C 36 17.15 0.72 7.97
CA TRP C 36 16.24 1.63 7.29
C TRP C 36 16.12 2.91 8.09
N VAL C 37 16.18 4.04 7.37
CA VAL C 37 16.05 5.38 7.94
C VAL C 37 15.05 6.13 7.07
N ARG C 38 14.18 6.93 7.69
CA ARG C 38 13.18 7.66 6.93
C ARG C 38 13.26 9.15 7.22
N GLN C 39 12.71 9.92 6.28
CA GLN C 39 12.73 11.38 6.34
C GLN C 39 11.39 11.91 5.82
N ALA C 40 10.57 12.43 6.72
CA ALA C 40 9.31 13.02 6.31
C ALA C 40 9.57 14.35 5.59
N PRO C 41 8.67 14.77 4.69
CA PRO C 41 8.92 15.98 3.90
C PRO C 41 9.23 17.19 4.78
N GLY C 42 10.38 17.81 4.54
CA GLY C 42 10.79 18.99 5.27
C GLY C 42 11.41 18.74 6.64
N LYS C 43 11.54 17.49 7.07
CA LYS C 43 11.98 17.18 8.41
C LYS C 43 13.34 16.48 8.40
N GLY C 44 13.72 15.94 9.55
CA GLY C 44 14.99 15.29 9.73
C GLY C 44 14.93 13.78 9.54
N LEU C 45 15.96 13.11 10.02
CA LEU C 45 16.15 11.68 9.82
C LEU C 45 15.70 10.90 11.04
N GLU C 46 15.05 9.76 10.80
CA GLU C 46 14.59 8.89 11.88
C GLU C 46 14.95 7.45 11.55
N TRP C 47 15.69 6.81 12.46
CA TRP C 47 16.01 5.39 12.32
C TRP C 47 14.76 4.56 12.55
N VAL C 48 14.53 3.57 11.69
CA VAL C 48 13.35 2.72 11.89
C VAL C 48 13.71 1.24 11.99
N GLY C 49 14.99 0.92 12.12
CA GLY C 49 15.40 -0.42 12.51
C GLY C 49 16.61 -0.91 11.74
N PHE C 50 17.22 -1.97 12.26
CA PHE C 50 18.29 -2.66 11.54
C PHE C 50 18.11 -4.17 11.69
N ILE C 51 18.81 -4.90 10.84
CA ILE C 51 18.86 -6.36 10.92
C ILE C 51 20.32 -6.78 10.80
N ARG C 52 20.74 -7.70 11.66
CA ARG C 52 22.13 -8.11 11.68
C ARG C 52 22.41 -9.16 10.60
N SER C 53 23.70 -9.38 10.35
CA SER C 53 24.09 -10.45 9.43
C SER C 53 23.71 -11.81 10.01
N LYS C 54 23.64 -12.81 9.13
CA LYS C 54 23.40 -14.17 9.56
C LYS C 54 24.46 -14.64 10.55
N ALA C 55 25.72 -14.24 10.34
CA ALA C 55 26.80 -14.65 11.24
C ALA C 55 26.59 -14.10 12.65
N ASN C 56 25.88 -12.99 12.78
CA ASN C 56 25.60 -12.37 14.08
C ASN C 56 24.17 -12.61 14.54
N GLY C 57 23.54 -13.68 14.07
CA GLY C 57 22.24 -14.10 14.56
C GLY C 57 21.07 -13.73 13.67
N GLY C 58 21.25 -12.74 12.79
CA GLY C 58 20.21 -12.38 11.84
C GLY C 58 18.94 -11.80 12.42
N ARG C 59 18.96 -11.31 13.66
CA ARG C 59 17.80 -10.75 14.32
C ARG C 59 17.77 -9.24 14.17
N THR C 60 16.61 -8.65 14.45
CA THR C 60 16.39 -7.22 14.21
C THR C 60 16.30 -6.45 15.51
N GLU C 61 16.43 -5.13 15.40
CA GLU C 61 16.17 -4.19 16.49
C GLU C 61 15.36 -3.04 15.92
N ASN C 62 14.33 -2.63 16.65
CA ASN C 62 13.42 -1.61 16.16
C ASN C 62 13.15 -0.58 17.26
N PRO C 63 12.95 0.68 16.87
CA PRO C 63 12.60 1.69 17.88
C PRO C 63 11.19 1.48 18.39
N ALA C 64 11.01 1.65 19.70
CA ALA C 64 9.70 1.44 20.32
C ALA C 64 8.65 2.40 19.76
N SER C 65 9.08 3.58 19.29
CA SER C 65 8.12 4.58 18.80
C SER C 65 7.32 4.08 17.60
N VAL C 66 7.85 3.12 16.83
CA VAL C 66 7.10 2.53 15.72
C VAL C 66 6.09 1.49 16.21
N LYS C 67 6.14 1.14 17.50
CA LYS C 67 5.11 0.31 18.13
C LYS C 67 4.95 -1.05 17.46
N GLY C 68 6.07 -1.65 17.07
CA GLY C 68 6.07 -3.01 16.54
C GLY C 68 5.35 -3.18 15.23
N ARG C 69 5.09 -2.10 14.50
CA ARG C 69 4.38 -2.19 13.24
C ARG C 69 5.27 -2.58 12.07
N PHE C 70 6.59 -2.45 12.20
CA PHE C 70 7.50 -2.69 11.10
C PHE C 70 8.30 -3.97 11.35
N THR C 71 8.57 -4.71 10.27
CA THR C 71 9.40 -5.90 10.35
C THR C 71 10.44 -5.83 9.24
N ILE C 72 11.70 -6.04 9.61
CA ILE C 72 12.81 -6.07 8.67
C ILE C 72 13.24 -7.51 8.49
N SER C 73 13.45 -7.91 7.23
CA SER C 73 13.97 -9.24 6.93
C SER C 73 14.97 -9.11 5.80
N ARG C 74 15.65 -10.23 5.52
CA ARG C 74 16.66 -10.24 4.48
C ARG C 74 16.64 -11.58 3.77
N ASP C 75 16.98 -11.54 2.48
CA ASP C 75 17.13 -12.75 1.65
C ASP C 75 18.55 -12.69 1.09
N ASP C 76 19.45 -13.43 1.72
CA ASP C 76 20.86 -13.36 1.34
C ASP C 76 21.09 -14.00 -0.03
N SER C 77 20.27 -14.98 -0.42
CA SER C 77 20.45 -15.61 -1.72
C SER C 77 20.12 -14.65 -2.87
N LYS C 78 19.34 -13.61 -2.60
CA LYS C 78 19.01 -12.60 -3.60
C LYS C 78 19.65 -11.25 -3.33
N SER C 79 20.36 -11.09 -2.22
CA SER C 79 20.93 -9.82 -1.77
C SER C 79 19.87 -8.73 -1.70
N ILE C 80 18.77 -9.02 -1.00
CA ILE C 80 17.68 -8.08 -0.81
C ILE C 80 17.40 -7.94 0.67
N ALA C 81 17.23 -6.69 1.13
CA ALA C 81 16.69 -6.40 2.45
C ALA C 81 15.27 -5.87 2.28
N TYR C 82 14.39 -6.21 3.23
CA TYR C 82 12.98 -5.83 3.18
C TYR C 82 12.60 -4.99 4.40
N LEU C 83 11.63 -4.11 4.18
CA LEU C 83 10.95 -3.41 5.28
C LEU C 83 9.46 -3.63 5.11
N GLN C 84 8.89 -4.47 5.97
CA GLN C 84 7.45 -4.71 5.98
C GLN C 84 6.81 -3.73 6.96
N MET C 85 5.90 -2.90 6.46
CA MET C 85 5.25 -1.87 7.26
C MET C 85 3.76 -2.17 7.37
N ASN C 86 3.27 -2.33 8.59
CA ASN C 86 1.87 -2.64 8.85
C ASN C 86 1.20 -1.47 9.56
N SER C 87 -0.14 -1.46 9.50
CA SER C 87 -0.94 -0.47 10.22
C SER C 87 -0.44 0.95 9.96
N LEU C 88 -0.24 1.26 8.68
CA LEU C 88 0.39 2.52 8.32
C LEU C 88 -0.50 3.71 8.68
N LYS C 89 0.15 4.82 9.04
CA LYS C 89 -0.53 6.05 9.42
C LYS C 89 -0.05 7.17 8.52
N THR C 90 -0.86 8.24 8.43
CA THR C 90 -0.45 9.39 7.61
C THR C 90 0.90 9.93 8.06
N GLU C 91 1.20 9.84 9.36
CA GLU C 91 2.49 10.30 9.87
C GLU C 91 3.65 9.47 9.33
N ASP C 92 3.40 8.30 8.76
CA ASP C 92 4.49 7.51 8.20
C ASP C 92 4.91 7.96 6.81
N THR C 93 4.22 8.93 6.21
CA THR C 93 4.62 9.47 4.92
C THR C 93 6.04 10.01 4.97
N ALA C 94 6.92 9.46 4.13
CA ALA C 94 8.34 9.81 4.20
C ALA C 94 9.06 9.16 3.03
N VAL C 95 10.26 9.68 2.75
CA VAL C 95 11.24 8.96 1.95
C VAL C 95 11.94 7.95 2.84
N TYR C 96 11.98 6.70 2.40
CA TYR C 96 12.57 5.60 3.16
C TYR C 96 13.89 5.22 2.49
N TYR C 97 14.98 5.33 3.25
CA TYR C 97 16.32 5.00 2.75
C TYR C 97 16.75 3.65 3.27
N CYS C 98 17.29 2.81 2.39
CA CYS C 98 18.03 1.63 2.79
C CYS C 98 19.50 2.00 2.96
N THR C 99 20.12 1.48 4.02
CA THR C 99 21.50 1.83 4.31
C THR C 99 22.29 0.57 4.68
N ARG C 100 23.58 0.62 4.39
CA ARG C 100 24.52 -0.42 4.79
C ARG C 100 25.21 0.00 6.08
N VAL C 101 25.15 -0.86 7.09
CA VAL C 101 25.83 -0.62 8.36
C VAL C 101 27.27 -1.11 8.23
N GLU C 102 28.22 -0.24 8.55
CA GLU C 102 29.63 -0.57 8.37
C GLU C 102 30.09 -1.62 9.39
N LEU C 103 31.09 -2.41 8.99
CA LEU C 103 31.64 -3.45 9.82
C LEU C 103 32.59 -2.87 10.88
N GLY C 104 32.83 -3.66 11.92
CA GLY C 104 33.81 -3.30 12.92
C GLY C 104 33.20 -2.66 14.15
N SER C 105 34.03 -1.87 14.83
CA SER C 105 33.68 -1.32 16.13
C SER C 105 32.96 0.02 16.08
N SER C 106 32.86 0.66 14.91
CA SER C 106 32.12 1.92 14.77
C SER C 106 31.13 1.73 13.61
N TRP C 107 29.89 1.35 13.96
CA TRP C 107 28.92 0.89 12.96
C TRP C 107 28.03 2.04 12.47
N SER C 108 28.66 2.97 11.76
CA SER C 108 27.93 4.06 11.13
C SER C 108 27.22 3.56 9.88
N LEU C 109 26.42 4.44 9.27
CA LEU C 109 25.69 4.14 8.05
C LEU C 109 26.52 4.62 6.87
N GLY C 110 27.33 3.71 6.31
CA GLY C 110 28.33 4.12 5.34
C GLY C 110 27.80 4.42 3.95
N TYR C 111 26.67 3.82 3.57
CA TYR C 111 26.14 3.98 2.23
C TYR C 111 24.62 4.03 2.31
N TRP C 112 24.03 4.91 1.50
CA TRP C 112 22.59 5.19 1.51
C TRP C 112 22.06 5.11 0.09
N GLY C 113 20.91 4.46 -0.09
CA GLY C 113 20.24 4.49 -1.37
C GLY C 113 19.58 5.84 -1.60
N GLN C 114 19.01 6.01 -2.80
CA GLN C 114 18.32 7.25 -3.13
C GLN C 114 17.09 7.44 -2.27
N GLY C 115 16.50 6.37 -1.77
CA GLY C 115 15.27 6.43 -1.04
C GLY C 115 14.06 6.30 -1.95
N THR C 116 12.95 5.86 -1.36
CA THR C 116 11.68 5.74 -2.07
C THR C 116 10.60 6.43 -1.24
N LEU C 117 9.80 7.27 -1.91
CA LEU C 117 8.75 8.02 -1.25
C LEU C 117 7.54 7.10 -0.98
N VAL C 118 7.12 7.04 0.27
CA VAL C 118 5.88 6.38 0.65
C VAL C 118 4.91 7.46 1.08
N THR C 119 3.75 7.51 0.42
CA THR C 119 2.71 8.50 0.72
C THR C 119 1.52 7.75 1.30
N VAL C 120 1.22 7.99 2.57
CA VAL C 120 0.09 7.38 3.25
C VAL C 120 -1.04 8.40 3.27
N SER C 121 -2.06 8.17 2.45
CA SER C 121 -3.15 9.13 2.30
C SER C 121 -4.31 8.46 1.59
N SER C 122 -5.50 8.98 1.85
CA SER C 122 -6.73 8.55 1.19
C SER C 122 -7.15 9.50 0.07
N ALA C 123 -6.32 10.47 -0.28
CA ALA C 123 -6.67 11.43 -1.31
C ALA C 123 -6.78 10.76 -2.67
N SER C 124 -7.59 11.38 -3.55
CA SER C 124 -7.79 10.88 -4.90
C SER C 124 -6.58 11.18 -5.78
N THR C 125 -6.18 10.20 -6.59
CA THR C 125 -5.16 10.42 -7.61
C THR C 125 -5.78 11.23 -8.75
N LYS C 126 -5.30 12.45 -8.95
CA LYS C 126 -5.87 13.33 -9.96
C LYS C 126 -4.82 14.31 -10.43
N GLY C 127 -4.95 14.72 -11.70
CA GLY C 127 -4.07 15.71 -12.27
C GLY C 127 -4.48 17.11 -11.85
N PRO C 128 -3.56 18.05 -12.00
CA PRO C 128 -3.82 19.41 -11.52
C PRO C 128 -4.73 20.19 -12.45
N SER C 129 -5.36 21.20 -11.89
CA SER C 129 -5.91 22.29 -12.68
C SER C 129 -4.82 23.34 -12.83
N VAL C 130 -4.64 23.86 -14.03
CA VAL C 130 -3.54 24.77 -14.34
C VAL C 130 -4.14 26.11 -14.75
N PHE C 131 -3.82 27.15 -13.99
CA PHE C 131 -4.34 28.48 -14.27
C PHE C 131 -3.19 29.44 -14.51
N PRO C 132 -3.35 30.40 -15.42
CA PRO C 132 -2.27 31.36 -15.68
C PRO C 132 -2.14 32.40 -14.58
N LEU C 133 -0.89 32.79 -14.31
CA LEU C 133 -0.58 33.95 -13.49
C LEU C 133 -0.17 35.04 -14.49
N ALA C 134 -1.11 35.92 -14.79
CA ALA C 134 -0.97 36.79 -15.95
C ALA C 134 -0.06 37.98 -15.65
N PRO C 135 0.93 38.25 -16.49
CA PRO C 135 1.75 39.44 -16.30
C PRO C 135 0.94 40.71 -16.60
N SER C 136 1.35 41.80 -15.98
CA SER C 136 0.65 43.07 -16.16
C SER C 136 1.64 44.21 -16.37
N GLY C 143 11.03 47.16 -16.11
CA GLY C 143 11.57 46.59 -17.34
C GLY C 143 11.43 45.09 -17.41
N THR C 144 11.28 44.45 -16.25
CA THR C 144 11.12 43.00 -16.15
C THR C 144 9.70 42.69 -15.71
N ALA C 145 9.07 41.76 -16.41
CA ALA C 145 7.72 41.30 -16.10
C ALA C 145 7.78 39.86 -15.61
N ALA C 146 6.87 39.51 -14.73
CA ALA C 146 6.75 38.14 -14.23
C ALA C 146 5.43 37.55 -14.69
N LEU C 147 5.47 36.26 -15.02
CA LEU C 147 4.28 35.49 -15.33
C LEU C 147 4.49 34.07 -14.81
N GLY C 148 3.43 33.28 -14.81
CA GLY C 148 3.56 31.93 -14.33
C GLY C 148 2.28 31.15 -14.51
N CYS C 149 2.26 29.98 -13.87
CA CYS C 149 1.10 29.10 -13.87
CA CYS C 149 1.07 29.16 -13.86
C CYS C 149 0.88 28.56 -12.47
N LEU C 150 -0.37 28.56 -12.05
CA LEU C 150 -0.79 27.96 -10.78
C LEU C 150 -1.21 26.52 -11.03
N VAL C 151 -0.53 25.59 -10.36
CA VAL C 151 -0.72 24.15 -10.58
C VAL C 151 -1.42 23.63 -9.33
N LYS C 152 -2.74 23.53 -9.37
CA LYS C 152 -3.56 23.42 -8.17
C LYS C 152 -4.28 22.08 -8.08
N ASP C 153 -4.28 21.51 -6.87
CA ASP C 153 -5.12 20.37 -6.51
C ASP C 153 -4.77 19.08 -7.25
N TYR C 154 -3.51 18.65 -7.18
CA TYR C 154 -3.12 17.37 -7.74
C TYR C 154 -2.67 16.45 -6.61
N PHE C 155 -2.65 15.15 -6.91
CA PHE C 155 -2.22 14.15 -5.95
C PHE C 155 -1.94 12.85 -6.68
N PRO C 156 -0.89 12.11 -6.31
CA PRO C 156 0.10 12.51 -5.31
C PRO C 156 1.26 13.29 -5.93
N GLU C 157 2.31 13.53 -5.15
CA GLU C 157 3.55 14.01 -5.71
C GLU C 157 4.14 12.92 -6.60
N PRO C 158 5.00 13.29 -7.58
CA PRO C 158 5.45 14.63 -7.97
C PRO C 158 4.79 15.16 -9.24
N VAL C 159 4.93 16.45 -9.48
CA VAL C 159 4.60 17.07 -10.75
C VAL C 159 5.85 17.73 -11.31
N THR C 160 5.91 17.84 -12.64
CA THR C 160 7.00 18.55 -13.32
C THR C 160 6.44 19.67 -14.18
N VAL C 161 7.14 20.81 -14.18
CA VAL C 161 6.73 21.98 -14.95
C VAL C 161 7.91 22.44 -15.80
N SER C 162 7.64 22.74 -17.06
CA SER C 162 8.61 23.40 -17.92
C SER C 162 7.94 24.56 -18.64
N TRP C 163 8.75 25.36 -19.32
CA TRP C 163 8.25 26.52 -20.05
C TRP C 163 8.71 26.44 -21.50
N ASN C 164 7.76 26.58 -22.43
CA ASN C 164 8.02 26.49 -23.86
C ASN C 164 8.79 25.20 -24.18
N SER C 165 8.34 24.10 -23.56
CA SER C 165 8.91 22.77 -23.74
C SER C 165 10.40 22.73 -23.39
N GLY C 166 10.81 23.54 -22.42
CA GLY C 166 12.20 23.56 -22.00
C GLY C 166 13.07 24.56 -22.72
N ALA C 167 12.53 25.29 -23.70
CA ALA C 167 13.31 26.30 -24.41
C ALA C 167 13.50 27.56 -23.58
N LEU C 168 12.70 27.73 -22.54
CA LEU C 168 12.78 28.86 -21.63
C LEU C 168 13.18 28.33 -20.25
N THR C 169 14.41 28.62 -19.82
CA THR C 169 14.89 28.11 -18.54
C THR C 169 15.45 29.20 -17.64
N SER C 170 16.04 30.24 -18.22
CA SER C 170 16.62 31.30 -17.40
C SER C 170 15.50 32.09 -16.72
N GLY C 171 15.64 32.30 -15.41
CA GLY C 171 14.67 33.04 -14.64
C GLY C 171 13.46 32.25 -14.19
N VAL C 172 13.44 30.94 -14.41
CA VAL C 172 12.33 30.11 -14.00
C VAL C 172 12.47 29.73 -12.52
N HIS C 173 11.38 29.83 -11.77
CA HIS C 173 11.32 29.30 -10.41
C HIS C 173 10.06 28.46 -10.30
N THR C 174 10.22 27.16 -10.05
CA THR C 174 9.11 26.27 -9.75
C THR C 174 9.12 25.97 -8.27
N PHE C 175 8.08 26.37 -7.57
CA PHE C 175 8.08 26.31 -6.13
C PHE C 175 7.81 24.90 -5.62
N PRO C 176 8.37 24.54 -4.46
CA PRO C 176 8.00 23.26 -3.84
C PRO C 176 6.51 23.23 -3.55
N ALA C 177 5.92 22.05 -3.72
CA ALA C 177 4.49 21.89 -3.49
C ALA C 177 4.17 22.11 -2.01
N VAL C 178 2.96 22.61 -1.77
CA VAL C 178 2.39 22.71 -0.44
C VAL C 178 1.23 21.72 -0.35
N LEU C 179 1.15 21.01 0.77
CA LEU C 179 0.02 20.13 1.03
C LEU C 179 -1.12 20.96 1.62
N GLN C 180 -2.22 21.08 0.89
CA GLN C 180 -3.37 21.81 1.37
C GLN C 180 -4.15 20.97 2.38
N SER C 181 -5.01 21.65 3.14
CA SER C 181 -5.82 20.95 4.13
C SER C 181 -6.70 19.89 3.50
N SER C 182 -7.04 20.05 2.22
CA SER C 182 -7.81 19.07 1.47
C SER C 182 -7.09 17.75 1.26
N GLY C 183 -5.79 17.69 1.54
CA GLY C 183 -4.99 16.52 1.23
C GLY C 183 -4.41 16.52 -0.18
N LEU C 184 -4.68 17.56 -0.96
CA LEU C 184 -4.15 17.70 -2.31
C LEU C 184 -2.98 18.68 -2.28
N TYR C 185 -2.13 18.58 -3.30
CA TYR C 185 -0.96 19.45 -3.40
C TYR C 185 -1.24 20.60 -4.36
N SER C 186 -0.48 21.68 -4.18
CA SER C 186 -0.55 22.84 -5.06
C SER C 186 0.84 23.47 -5.12
N LEU C 187 1.15 24.02 -6.29
CA LEU C 187 2.39 24.78 -6.45
C LEU C 187 2.18 25.79 -7.57
N SER C 188 3.14 26.70 -7.68
CA SER C 188 3.21 27.66 -8.76
C SER C 188 4.58 27.59 -9.41
N SER C 189 4.63 27.81 -10.71
CA SER C 189 5.88 28.02 -11.43
C SER C 189 5.83 29.40 -12.06
N VAL C 190 6.91 30.17 -11.89
CA VAL C 190 6.99 31.54 -12.37
C VAL C 190 8.24 31.71 -13.20
N VAL C 191 8.24 32.75 -14.04
CA VAL C 191 9.42 33.11 -14.82
C VAL C 191 9.38 34.62 -15.06
N THR C 192 10.55 35.24 -14.98
CA THR C 192 10.66 36.66 -15.31
C THR C 192 11.10 36.81 -16.75
N VAL C 193 10.48 37.74 -17.46
CA VAL C 193 10.74 37.95 -18.88
C VAL C 193 10.81 39.45 -19.15
N PRO C 194 11.42 39.85 -20.27
CA PRO C 194 11.39 41.25 -20.65
C PRO C 194 9.97 41.73 -20.90
N SER C 195 9.65 42.91 -20.35
CA SER C 195 8.32 43.49 -20.57
C SER C 195 8.05 43.76 -22.04
N SER C 196 9.08 44.08 -22.82
CA SER C 196 8.89 44.36 -24.24
C SER C 196 8.46 43.12 -25.03
N SER C 197 8.71 41.92 -24.50
CA SER C 197 8.41 40.69 -25.22
C SER C 197 6.96 40.23 -25.04
N LEU C 198 6.19 40.85 -24.14
CA LEU C 198 4.87 40.34 -23.80
C LEU C 198 3.91 40.43 -24.98
N GLY C 199 4.03 41.49 -25.79
CA GLY C 199 3.14 41.65 -26.93
C GLY C 199 3.42 40.69 -28.07
N THR C 200 4.62 40.13 -28.13
CA THR C 200 5.07 39.37 -29.29
C THR C 200 5.38 37.92 -28.98
N GLN C 201 6.01 37.63 -27.84
CA GLN C 201 6.43 36.27 -27.59
C GLN C 201 5.28 35.44 -26.99
N THR C 202 5.41 34.13 -27.14
CA THR C 202 4.44 33.19 -26.62
C THR C 202 5.08 32.45 -25.45
N TYR C 203 4.38 32.43 -24.32
CA TYR C 203 4.87 31.77 -23.12
C TYR C 203 3.88 30.71 -22.71
N ILE C 204 4.34 29.46 -22.69
CA ILE C 204 3.49 28.30 -22.43
C ILE C 204 4.13 27.49 -21.32
N CYS C 205 3.33 27.13 -20.32
CA CYS C 205 3.79 26.30 -19.22
CA CYS C 205 3.80 26.30 -19.22
C CYS C 205 3.31 24.87 -19.46
N ASN C 206 4.23 23.91 -19.34
CA ASN C 206 3.95 22.50 -19.58
C ASN C 206 3.96 21.77 -18.24
N VAL C 207 2.86 21.12 -17.90
CA VAL C 207 2.66 20.51 -16.60
C VAL C 207 2.42 19.02 -16.80
N ASN C 208 3.28 18.19 -16.24
CA ASN C 208 3.20 16.74 -16.37
C ASN C 208 2.98 16.12 -15.00
N HIS C 209 1.95 15.27 -14.88
CA HIS C 209 1.66 14.55 -13.65
C HIS C 209 1.54 13.07 -14.01
N LYS C 210 2.66 12.34 -13.87
CA LYS C 210 2.68 10.94 -14.27
C LYS C 210 1.71 10.05 -13.48
N PRO C 211 1.51 10.22 -12.17
CA PRO C 211 0.55 9.34 -11.48
C PRO C 211 -0.85 9.34 -12.07
N SER C 212 -1.27 10.45 -12.68
CA SER C 212 -2.59 10.52 -13.29
C SER C 212 -2.54 10.45 -14.81
N ASN C 213 -1.36 10.28 -15.39
CA ASN C 213 -1.18 10.24 -16.85
C ASN C 213 -1.81 11.46 -17.52
N THR C 214 -1.54 12.62 -16.94
CA THR C 214 -2.06 13.89 -17.42
C THR C 214 -0.90 14.78 -17.85
N LYS C 215 -1.05 15.43 -19.00
CA LYS C 215 -0.08 16.42 -19.46
C LYS C 215 -0.87 17.63 -19.95
N VAL C 216 -0.56 18.81 -19.42
CA VAL C 216 -1.31 20.02 -19.72
C VAL C 216 -0.35 21.10 -20.20
N ASP C 217 -0.74 21.80 -21.27
CA ASP C 217 -0.06 22.98 -21.77
C ASP C 217 -1.01 24.16 -21.69
N LYS C 218 -0.57 25.27 -21.08
CA LYS C 218 -1.38 26.45 -20.90
C LYS C 218 -0.62 27.69 -21.37
N LYS C 219 -1.24 28.45 -22.26
CA LYS C 219 -0.66 29.70 -22.73
C LYS C 219 -0.96 30.84 -21.75
N VAL C 220 0.07 31.57 -21.36
CA VAL C 220 -0.02 32.64 -20.36
C VAL C 220 0.08 33.98 -21.07
N GLU C 221 -1.02 34.72 -21.10
CA GLU C 221 -1.19 36.00 -21.78
C GLU C 221 -1.42 37.15 -20.80
N PRO C 222 -0.94 38.36 -21.12
CA PRO C 222 -1.26 39.56 -20.36
C PRO C 222 -2.72 39.98 -20.54
N GLU D 1 15.37 7.91 25.35
CA GLU D 1 16.31 7.99 24.22
C GLU D 1 17.32 9.11 24.44
N ILE D 2 18.41 9.07 23.69
CA ILE D 2 19.41 10.14 23.72
C ILE D 2 18.99 11.18 22.70
N VAL D 3 18.64 12.37 23.17
CA VAL D 3 18.24 13.47 22.30
C VAL D 3 19.50 14.22 21.88
N LEU D 4 19.65 14.44 20.58
CA LEU D 4 20.76 15.20 20.03
C LEU D 4 20.25 16.56 19.58
N THR D 5 20.78 17.62 20.18
CA THR D 5 20.42 19.00 19.83
C THR D 5 21.58 19.66 19.11
N GLN D 6 21.36 20.04 17.86
CA GLN D 6 22.38 20.72 17.06
C GLN D 6 22.17 22.22 17.09
N SER D 7 23.27 22.95 16.95
CA SER D 7 23.23 24.40 16.92
C SER D 7 24.37 24.90 16.05
N PRO D 8 24.18 26.01 15.32
CA PRO D 8 22.90 26.71 15.24
C PRO D 8 21.97 26.05 14.23
N GLY D 9 20.75 26.56 14.10
CA GLY D 9 19.84 26.01 13.09
C GLY D 9 20.30 26.30 11.68
N THR D 10 20.73 27.54 11.43
CA THR D 10 21.23 27.95 10.13
C THR D 10 22.51 28.73 10.31
N LEU D 11 23.52 28.37 9.52
CA LEU D 11 24.82 29.03 9.52
C LEU D 11 25.04 29.66 8.15
N SER D 12 25.16 30.98 8.12
CA SER D 12 25.35 31.71 6.87
C SER D 12 26.80 32.15 6.79
N LEU D 13 27.55 31.56 5.85
CA LEU D 13 28.97 31.83 5.73
C LEU D 13 29.36 31.98 4.26
N SER D 14 30.40 32.76 4.02
CA SER D 14 30.95 32.90 2.69
C SER D 14 31.92 31.76 2.38
N PRO D 15 32.04 31.39 1.11
CA PRO D 15 33.10 30.45 0.73
C PRO D 15 34.45 30.94 1.23
N GLY D 16 35.29 30.00 1.66
CA GLY D 16 36.56 30.33 2.25
C GLY D 16 36.57 30.48 3.76
N GLU D 17 35.41 30.69 4.38
CA GLU D 17 35.38 30.87 5.83
C GLU D 17 35.31 29.51 6.54
N ARG D 18 35.47 29.55 7.86
CA ARG D 18 35.46 28.35 8.70
C ARG D 18 34.07 28.16 9.32
N ALA D 19 33.55 26.95 9.22
CA ALA D 19 32.26 26.58 9.79
C ALA D 19 32.48 25.70 11.00
N THR D 20 31.82 26.03 12.11
CA THR D 20 31.87 25.24 13.33
C THR D 20 30.45 24.87 13.72
N LEU D 21 30.16 23.57 13.74
CA LEU D 21 28.83 23.05 14.01
C LEU D 21 28.86 22.22 15.29
N SER D 22 27.83 22.41 16.13
CA SER D 22 27.77 21.79 17.44
C SER D 22 26.66 20.76 17.51
N CYS D 23 26.90 19.73 18.32
CA CYS D 23 25.95 18.67 18.57
C CYS D 23 26.02 18.34 20.06
N ARG D 24 24.91 18.50 20.76
CA ARG D 24 24.84 18.30 22.20
C ARG D 24 23.92 17.12 22.49
N ALA D 25 24.38 16.21 23.35
CA ALA D 25 23.64 14.99 23.68
C ALA D 25 23.02 15.12 25.07
N SER D 26 21.79 14.61 25.21
CA SER D 26 21.08 14.70 26.48
C SER D 26 21.74 13.86 27.57
N GLN D 27 22.59 12.90 27.19
CA GLN D 27 23.45 12.20 28.13
C GLN D 27 24.69 11.74 27.37
N SER D 28 25.71 11.35 28.12
CA SER D 28 27.02 11.13 27.51
C SER D 28 26.99 10.02 26.47
N VAL D 29 27.82 10.20 25.44
CA VAL D 29 27.96 9.25 24.33
C VAL D 29 29.44 8.98 24.14
N SER D 30 29.81 7.71 24.04
CA SER D 30 31.19 7.39 23.70
C SER D 30 31.50 7.91 22.31
N SER D 31 32.67 8.54 22.17
CA SER D 31 33.04 9.16 20.89
C SER D 31 33.11 8.15 19.77
N THR D 32 33.35 6.88 20.08
CA THR D 32 33.32 5.83 19.08
C THR D 32 32.00 5.73 18.35
N TYR D 33 30.90 6.19 18.97
CA TYR D 33 29.55 5.96 18.47
C TYR D 33 28.86 7.22 17.97
N LEU D 34 29.61 8.24 17.56
CA LEU D 34 29.03 9.47 17.03
C LEU D 34 29.47 9.69 15.58
N ALA D 35 28.51 10.01 14.71
CA ALA D 35 28.81 10.21 13.29
C ALA D 35 28.18 11.50 12.81
N TRP D 36 28.68 11.99 11.67
CA TRP D 36 28.16 13.17 11.01
C TRP D 36 27.83 12.83 9.56
N TYR D 37 26.70 13.36 9.08
CA TYR D 37 26.21 13.12 7.73
C TYR D 37 25.95 14.45 7.03
N GLN D 38 26.15 14.47 5.72
CA GLN D 38 25.90 15.64 4.88
C GLN D 38 24.74 15.33 3.95
N GLN D 39 23.80 16.26 3.82
CA GLN D 39 22.68 16.08 2.91
C GLN D 39 22.36 17.37 2.17
N LYS D 40 22.21 17.26 0.85
CA LYS D 40 21.79 18.34 -0.05
C LYS D 40 20.39 18.07 -0.58
N PRO D 41 19.63 19.10 -0.96
CA PRO D 41 18.24 18.90 -1.35
C PRO D 41 18.10 17.94 -2.52
N GLY D 42 17.13 17.04 -2.41
CA GLY D 42 16.88 16.01 -3.41
C GLY D 42 17.83 14.83 -3.37
N GLN D 43 18.77 14.79 -2.41
CA GLN D 43 19.77 13.73 -2.34
C GLN D 43 19.73 13.06 -0.98
N ALA D 44 20.14 11.79 -0.96
CA ALA D 44 20.27 11.06 0.29
C ALA D 44 21.43 11.62 1.11
N PRO D 45 21.42 11.43 2.42
CA PRO D 45 22.60 11.77 3.23
C PRO D 45 23.80 10.94 2.82
N ARG D 46 24.99 11.44 3.14
CA ARG D 46 26.20 10.67 2.96
C ARG D 46 27.08 10.82 4.20
N LEU D 47 27.79 9.75 4.54
CA LEU D 47 28.64 9.75 5.73
C LEU D 47 29.83 10.66 5.53
N LEU D 48 30.10 11.52 6.53
CA LEU D 48 31.27 12.38 6.56
C LEU D 48 32.29 11.92 7.59
N ILE D 49 31.87 11.83 8.85
CA ILE D 49 32.71 11.49 9.99
C ILE D 49 32.05 10.34 10.74
N TYR D 50 32.85 9.36 11.15
CA TYR D 50 32.40 8.33 12.07
C TYR D 50 33.35 8.31 13.25
N GLY D 51 32.87 7.76 14.36
CA GLY D 51 33.71 7.71 15.56
C GLY D 51 34.17 9.08 16.01
N ALA D 52 33.31 10.08 15.85
CA ALA D 52 33.53 11.47 16.26
C ALA D 52 34.60 12.19 15.45
N SER D 53 35.65 11.50 15.00
CA SER D 53 36.80 12.19 14.43
C SER D 53 37.41 11.55 13.18
N SER D 54 36.91 10.42 12.72
CA SER D 54 37.50 9.71 11.58
C SER D 54 36.75 10.07 10.30
N ARG D 55 37.49 10.47 9.27
CA ARG D 55 36.86 10.78 7.99
C ARG D 55 36.55 9.52 7.21
N ALA D 56 35.35 9.48 6.62
CA ALA D 56 35.01 8.42 5.68
C ALA D 56 35.85 8.56 4.41
N THR D 57 35.90 7.50 3.61
CA THR D 57 36.76 7.51 2.43
C THR D 57 36.29 8.57 1.44
N GLY D 58 37.26 9.30 0.88
CA GLY D 58 36.96 10.36 -0.06
C GLY D 58 36.49 11.67 0.54
N ILE D 59 36.56 11.81 1.86
CA ILE D 59 36.16 13.05 2.53
C ILE D 59 37.40 13.93 2.67
N PRO D 60 37.38 15.17 2.17
CA PRO D 60 38.58 16.00 2.16
C PRO D 60 39.07 16.34 3.56
N ASP D 61 40.34 16.75 3.63
CA ASP D 61 40.97 17.09 4.91
C ASP D 61 40.31 18.26 5.62
N ARG D 62 39.60 19.14 4.91
CA ARG D 62 39.04 20.30 5.56
C ARG D 62 37.90 19.96 6.51
N PHE D 63 37.39 18.73 6.47
CA PHE D 63 36.41 18.26 7.43
C PHE D 63 37.12 17.59 8.59
N SER D 64 36.80 18.02 9.82
CA SER D 64 37.36 17.41 11.02
C SER D 64 36.31 17.38 12.11
N GLY D 65 36.33 16.31 12.90
CA GLY D 65 35.38 16.13 13.98
C GLY D 65 36.12 15.99 15.31
N SER D 66 35.47 16.42 16.38
CA SER D 66 36.05 16.33 17.72
C SER D 66 34.93 16.29 18.74
N GLY D 67 35.31 16.03 19.98
CA GLY D 67 34.38 16.08 21.09
C GLY D 67 34.34 14.78 21.87
N SER D 68 33.59 14.83 22.98
CA SER D 68 33.44 13.72 23.90
C SER D 68 32.36 14.10 24.90
N GLY D 69 31.97 13.11 25.72
CA GLY D 69 30.93 13.34 26.71
C GLY D 69 29.60 13.67 26.07
N THR D 70 29.11 14.89 26.27
CA THR D 70 27.84 15.33 25.71
C THR D 70 28.00 16.41 24.63
N ASP D 71 29.24 16.69 24.20
CA ASP D 71 29.49 17.84 23.32
C ASP D 71 30.40 17.43 22.18
N PHE D 72 29.89 17.56 20.95
CA PHE D 72 30.64 17.21 19.75
C PHE D 72 30.57 18.32 18.72
N THR D 73 31.64 18.43 17.93
CA THR D 73 31.83 19.54 17.01
C THR D 73 32.23 19.01 15.64
N LEU D 74 31.69 19.62 14.59
CA LEU D 74 32.14 19.41 13.22
C LEU D 74 32.70 20.72 12.70
N THR D 75 33.96 20.70 12.27
CA THR D 75 34.63 21.88 11.73
C THR D 75 34.93 21.69 10.25
N ILE D 76 34.55 22.68 9.44
CA ILE D 76 34.94 22.78 8.04
C ILE D 76 35.84 24.01 7.93
N SER D 77 37.14 23.77 7.70
CA SER D 77 38.13 24.81 7.93
C SER D 77 38.10 25.90 6.86
N ARG D 78 37.84 25.53 5.60
CA ARG D 78 37.87 26.48 4.48
C ARG D 78 36.73 26.10 3.53
N LEU D 79 35.56 26.70 3.75
CA LEU D 79 34.36 26.28 3.03
C LEU D 79 34.55 26.39 1.52
N GLU D 80 34.26 25.31 0.82
CA GLU D 80 34.18 25.29 -0.64
C GLU D 80 32.72 25.34 -1.06
N PRO D 81 32.43 25.79 -2.28
CA PRO D 81 31.03 25.87 -2.72
C PRO D 81 30.24 24.59 -2.55
N GLU D 82 30.87 23.42 -2.68
CA GLU D 82 30.14 22.17 -2.55
C GLU D 82 29.93 21.73 -1.11
N ASP D 83 30.40 22.50 -0.13
CA ASP D 83 30.19 22.15 1.27
C ASP D 83 28.90 22.71 1.84
N PHE D 84 28.19 23.55 1.11
CA PHE D 84 26.96 24.14 1.64
C PHE D 84 25.83 23.13 1.51
N ALA D 85 25.27 22.75 2.65
CA ALA D 85 24.38 21.61 2.78
C ALA D 85 23.85 21.54 4.20
N VAL D 86 23.00 20.57 4.49
CA VAL D 86 22.55 20.31 5.85
C VAL D 86 23.42 19.21 6.43
N TYR D 87 23.81 19.36 7.69
CA TYR D 87 24.65 18.40 8.38
C TYR D 87 23.89 17.86 9.59
N TYR D 88 23.88 16.54 9.74
CA TYR D 88 23.22 15.84 10.83
C TYR D 88 24.26 15.08 11.65
N CYS D 89 24.15 15.16 12.97
CA CYS D 89 24.89 14.23 13.82
C CYS D 89 24.00 13.05 14.17
N GLN D 90 24.65 11.95 14.58
CA GLN D 90 23.96 10.71 14.90
C GLN D 90 24.74 9.98 15.99
N GLN D 91 24.02 9.39 16.94
CA GLN D 91 24.63 8.49 17.89
C GLN D 91 24.08 7.09 17.68
N TYR D 92 24.98 6.09 17.76
CA TYR D 92 24.57 4.70 17.62
C TYR D 92 25.10 3.84 18.76
N GLY D 93 25.42 4.44 19.90
CA GLY D 93 25.85 3.70 21.07
C GLY D 93 24.73 3.30 22.01
N SER D 94 23.54 3.84 21.81
CA SER D 94 22.41 3.57 22.69
C SER D 94 21.19 3.31 21.82
N SER D 95 20.31 2.45 22.32
CA SER D 95 19.10 2.12 21.56
C SER D 95 17.95 2.96 22.07
N PRO D 96 17.21 3.67 21.19
CA PRO D 96 17.36 3.68 19.73
C PRO D 96 18.47 4.59 19.23
N TRP D 97 19.03 4.26 18.06
CA TRP D 97 19.88 5.21 17.36
C TRP D 97 19.09 6.47 17.08
N THR D 98 19.73 7.63 17.26
CA THR D 98 19.03 8.90 17.09
C THR D 98 19.88 9.88 16.30
N PHE D 99 19.20 10.81 15.63
CA PHE D 99 19.83 11.88 14.86
C PHE D 99 19.49 13.23 15.47
N GLY D 100 20.40 14.19 15.31
CA GLY D 100 20.07 15.57 15.58
C GLY D 100 19.14 16.13 14.53
N GLN D 101 18.64 17.34 14.78
CA GLN D 101 17.66 17.93 13.86
C GLN D 101 18.31 18.61 12.66
N GLY D 102 19.62 18.71 12.61
CA GLY D 102 20.31 19.22 11.45
C GLY D 102 20.69 20.69 11.59
N THR D 103 21.82 21.04 10.97
CA THR D 103 22.28 22.41 10.85
C THR D 103 22.47 22.70 9.36
N LYS D 104 21.79 23.73 8.87
CA LYS D 104 21.94 24.16 7.49
C LYS D 104 23.11 25.14 7.39
N VAL D 105 24.09 24.81 6.55
CA VAL D 105 25.17 25.72 6.22
C VAL D 105 24.84 26.30 4.84
N GLU D 106 24.36 27.53 4.83
CA GLU D 106 23.97 28.21 3.60
C GLU D 106 25.04 29.22 3.20
N ILE D 107 25.16 29.45 1.89
CA ILE D 107 26.16 30.37 1.38
C ILE D 107 25.67 31.80 1.58
N LYS D 108 26.52 32.63 2.18
CA LYS D 108 26.18 34.03 2.38
C LYS D 108 26.62 34.83 1.16
N ARG D 109 25.69 35.59 0.60
CA ARG D 109 25.94 36.51 -0.50
C ARG D 109 25.50 37.90 -0.07
N THR D 110 25.71 38.88 -0.96
CA THR D 110 25.29 40.24 -0.66
C THR D 110 23.77 40.34 -0.60
N VAL D 111 23.29 41.33 0.15
CA VAL D 111 21.86 41.50 0.37
C VAL D 111 21.18 41.93 -0.93
N ALA D 112 20.05 41.30 -1.24
CA ALA D 112 19.25 41.66 -2.39
C ALA D 112 17.79 41.74 -1.97
N ALA D 113 17.18 42.90 -2.15
CA ALA D 113 15.77 43.04 -1.82
C ALA D 113 14.90 42.35 -2.87
N PRO D 114 13.77 41.78 -2.46
CA PRO D 114 12.92 41.07 -3.41
C PRO D 114 12.27 42.02 -4.40
N SER D 115 12.09 41.54 -5.63
CA SER D 115 11.13 42.15 -6.55
C SER D 115 9.77 41.51 -6.30
N VAL D 116 8.72 42.35 -6.26
CA VAL D 116 7.41 41.91 -5.83
C VAL D 116 6.42 42.02 -6.98
N PHE D 117 5.60 40.98 -7.15
CA PHE D 117 4.55 40.94 -8.15
C PHE D 117 3.29 40.37 -7.53
N ILE D 118 2.14 40.84 -7.99
CA ILE D 118 0.86 40.29 -7.54
C ILE D 118 0.08 39.82 -8.76
N PHE D 119 -0.62 38.71 -8.60
CA PHE D 119 -1.38 38.11 -9.69
C PHE D 119 -2.83 37.93 -9.27
N PRO D 120 -3.79 38.50 -9.99
CA PRO D 120 -5.19 38.24 -9.68
C PRO D 120 -5.58 36.84 -10.13
N PRO D 121 -6.72 36.33 -9.68
CA PRO D 121 -7.18 35.03 -10.18
C PRO D 121 -7.52 35.10 -11.66
N SER D 122 -7.42 33.95 -12.32
CA SER D 122 -7.80 33.86 -13.72
C SER D 122 -9.31 33.75 -13.85
N ASP D 123 -9.82 34.19 -15.01
CA ASP D 123 -11.25 34.04 -15.29
C ASP D 123 -11.67 32.58 -15.29
N GLU D 124 -10.80 31.68 -15.76
CA GLU D 124 -11.12 30.27 -15.77
C GLU D 124 -11.38 29.75 -14.36
N GLN D 125 -10.47 30.07 -13.43
CA GLN D 125 -10.65 29.60 -12.06
C GLN D 125 -11.90 30.22 -11.43
N LEU D 126 -12.11 31.52 -11.66
CA LEU D 126 -13.29 32.18 -11.10
C LEU D 126 -14.58 31.52 -11.56
N LYS D 127 -14.59 30.99 -12.79
CA LYS D 127 -15.76 30.26 -13.28
C LYS D 127 -16.07 29.06 -12.41
N SER D 128 -15.06 28.45 -11.80
CA SER D 128 -15.23 27.27 -10.96
C SER D 128 -15.59 27.61 -9.52
N GLY D 129 -15.69 28.88 -9.17
CA GLY D 129 -16.12 29.29 -7.84
C GLY D 129 -15.04 29.52 -6.82
N THR D 130 -13.77 29.51 -7.21
CA THR D 130 -12.66 29.75 -6.31
C THR D 130 -11.75 30.83 -6.88
N ALA D 131 -11.16 31.63 -6.00
CA ALA D 131 -10.25 32.70 -6.40
C ALA D 131 -8.94 32.53 -5.65
N SER D 132 -7.86 32.31 -6.40
CA SER D 132 -6.51 32.28 -5.85
C SER D 132 -5.78 33.54 -6.25
N VAL D 133 -5.25 34.26 -5.26
CA VAL D 133 -4.46 35.47 -5.47
C VAL D 133 -3.04 35.15 -5.03
N VAL D 134 -2.07 35.44 -5.90
CA VAL D 134 -0.69 35.04 -5.67
C VAL D 134 0.19 36.26 -5.57
N CYS D 135 1.04 36.31 -4.55
CA CYS D 135 2.06 37.33 -4.39
C CYS D 135 3.43 36.68 -4.51
N LEU D 136 4.30 37.25 -5.34
CA LEU D 136 5.60 36.69 -5.64
C LEU D 136 6.70 37.62 -5.16
N LEU D 137 7.63 37.08 -4.36
CA LEU D 137 8.85 37.77 -3.96
C LEU D 137 10.02 37.06 -4.65
N ASN D 138 10.75 37.78 -5.51
CA ASN D 138 11.70 37.13 -6.41
C ASN D 138 13.13 37.55 -6.13
N ASN D 139 14.02 36.56 -6.04
CA ASN D 139 15.48 36.73 -6.05
C ASN D 139 15.95 37.65 -4.93
N PHE D 140 15.71 37.22 -3.70
CA PHE D 140 16.09 38.00 -2.54
C PHE D 140 17.01 37.20 -1.63
N TYR D 141 17.76 37.93 -0.80
CA TYR D 141 18.66 37.34 0.19
C TYR D 141 18.89 38.40 1.24
N PRO D 142 18.85 38.06 2.54
CA PRO D 142 18.67 36.73 3.15
C PRO D 142 17.23 36.22 3.08
N ARG D 143 17.01 35.04 3.67
CA ARG D 143 15.77 34.30 3.45
C ARG D 143 14.58 34.90 4.20
N GLU D 144 14.81 35.57 5.32
CA GLU D 144 13.70 36.03 6.15
C GLU D 144 12.96 37.19 5.48
N ALA D 145 11.63 37.07 5.42
CA ALA D 145 10.78 38.08 4.82
C ALA D 145 9.39 37.92 5.41
N LYS D 146 8.61 38.99 5.33
CA LYS D 146 7.23 38.96 5.81
C LYS D 146 6.32 39.42 4.68
N VAL D 147 5.25 38.66 4.45
CA VAL D 147 4.24 38.99 3.45
C VAL D 147 2.91 39.10 4.18
N GLN D 148 2.23 40.23 4.00
CA GLN D 148 0.93 40.46 4.60
C GLN D 148 -0.09 40.75 3.50
N TRP D 149 -1.25 40.12 3.61
CA TRP D 149 -2.34 40.37 2.68
C TRP D 149 -3.24 41.44 3.28
N LYS D 150 -3.52 42.48 2.50
CA LYS D 150 -4.41 43.53 2.92
C LYS D 150 -5.51 43.66 1.87
N VAL D 151 -6.75 43.63 2.32
CA VAL D 151 -7.90 43.64 1.44
C VAL D 151 -8.78 44.82 1.85
N ASP D 152 -8.90 45.79 0.94
CA ASP D 152 -9.49 47.09 1.27
C ASP D 152 -8.82 47.68 2.52
N ASN D 153 -7.49 47.55 2.57
CA ASN D 153 -6.62 48.01 3.65
C ASN D 153 -6.83 47.30 4.98
N ALA D 154 -7.56 46.19 5.00
CA ALA D 154 -7.75 45.42 6.22
C ALA D 154 -6.86 44.19 6.17
N LEU D 155 -6.09 43.98 7.23
CA LEU D 155 -5.14 42.88 7.26
C LEU D 155 -5.87 41.55 7.24
N GLN D 156 -5.48 40.68 6.31
CA GLN D 156 -6.04 39.34 6.18
C GLN D 156 -5.04 38.38 6.83
N SER D 157 -5.41 37.81 7.96
CA SER D 157 -4.50 36.92 8.67
C SER D 157 -4.69 35.46 8.31
N GLY D 158 -5.77 35.10 7.61
CA GLY D 158 -5.99 33.72 7.24
C GLY D 158 -6.00 33.45 5.75
N ASN D 159 -6.30 32.19 5.42
CA ASN D 159 -6.59 31.76 4.05
C ASN D 159 -5.40 31.87 3.11
N SER D 160 -4.17 31.82 3.63
CA SER D 160 -2.99 31.89 2.79
C SER D 160 -1.97 30.83 3.16
N GLN D 161 -1.11 30.51 2.20
CA GLN D 161 -0.01 29.58 2.39
C GLN D 161 1.21 30.10 1.65
N GLU D 162 2.39 29.78 2.16
CA GLU D 162 3.65 30.23 1.57
C GLU D 162 4.47 29.04 1.11
N SER D 163 5.30 29.27 0.09
CA SER D 163 6.31 28.31 -0.35
C SER D 163 7.59 29.07 -0.68
N VAL D 164 8.73 28.53 -0.23
CA VAL D 164 10.02 29.13 -0.48
C VAL D 164 10.88 28.13 -1.26
N THR D 165 11.60 28.63 -2.25
CA THR D 165 12.51 27.77 -2.99
C THR D 165 13.74 27.45 -2.15
N GLU D 166 14.45 26.41 -2.56
CA GLU D 166 15.80 26.23 -2.07
C GLU D 166 16.67 27.37 -2.58
N GLN D 167 17.80 27.58 -1.92
CA GLN D 167 18.72 28.62 -2.38
C GLN D 167 19.16 28.32 -3.81
N ASP D 168 19.09 29.32 -4.68
CA ASP D 168 19.35 29.11 -6.10
C ASP D 168 20.79 28.65 -6.32
N SER D 169 20.95 27.61 -7.15
CA SER D 169 22.27 27.00 -7.33
C SER D 169 23.24 27.90 -8.08
N LYS D 170 22.76 28.96 -8.74
CA LYS D 170 23.63 29.85 -9.50
C LYS D 170 23.89 31.19 -8.79
N ASP D 171 22.85 31.89 -8.33
CA ASP D 171 23.02 33.22 -7.75
C ASP D 171 22.69 33.29 -6.26
N SER D 172 22.41 32.15 -5.63
CA SER D 172 22.31 32.01 -4.18
C SER D 172 21.16 32.82 -3.57
N THR D 173 20.13 33.15 -4.35
CA THR D 173 18.98 33.89 -3.82
C THR D 173 17.82 32.95 -3.54
N TYR D 174 16.79 33.50 -2.91
CA TYR D 174 15.55 32.81 -2.64
C TYR D 174 14.43 33.49 -3.40
N SER D 175 13.37 32.73 -3.66
CA SER D 175 12.11 33.30 -4.13
C SER D 175 10.99 32.71 -3.29
N LEU D 176 9.91 33.47 -3.14
CA LEU D 176 8.83 33.10 -2.23
C LEU D 176 7.50 33.42 -2.87
N SER D 177 6.53 32.53 -2.68
CA SER D 177 5.16 32.74 -3.11
C SER D 177 4.23 32.72 -1.90
N SER D 178 3.27 33.62 -1.89
CA SER D 178 2.17 33.58 -0.93
C SER D 178 0.87 33.53 -1.71
N THR D 179 0.01 32.57 -1.38
CA THR D 179 -1.22 32.33 -2.13
C THR D 179 -2.39 32.51 -1.20
N LEU D 180 -3.25 33.48 -1.51
CA LEU D 180 -4.49 33.72 -0.78
C LEU D 180 -5.62 33.03 -1.54
N THR D 181 -6.35 32.16 -0.87
CA THR D 181 -7.40 31.36 -1.51
C THR D 181 -8.74 31.69 -0.86
N LEU D 182 -9.67 32.20 -1.67
CA LEU D 182 -11.01 32.57 -1.21
C LEU D 182 -12.05 31.93 -2.13
N SER D 183 -13.25 31.77 -1.60
CA SER D 183 -14.38 31.44 -2.46
C SER D 183 -14.69 32.64 -3.36
N LYS D 184 -15.39 32.36 -4.47
CA LYS D 184 -15.76 33.44 -5.38
C LYS D 184 -16.63 34.47 -4.68
N ALA D 185 -17.53 34.01 -3.80
CA ALA D 185 -18.40 34.92 -3.07
C ALA D 185 -17.60 35.84 -2.15
N ASP D 186 -16.66 35.29 -1.38
CA ASP D 186 -15.85 36.13 -0.51
C ASP D 186 -14.97 37.06 -1.31
N TYR D 187 -14.43 36.57 -2.43
CA TYR D 187 -13.59 37.40 -3.30
C TYR D 187 -14.34 38.62 -3.80
N GLU D 188 -15.62 38.45 -4.14
CA GLU D 188 -16.40 39.54 -4.71
C GLU D 188 -16.94 40.50 -3.66
N LYS D 189 -16.64 40.29 -2.38
CA LYS D 189 -17.03 41.24 -1.34
C LYS D 189 -16.07 42.41 -1.21
N HIS D 190 -14.95 42.41 -1.93
CA HIS D 190 -13.93 43.41 -1.74
C HIS D 190 -13.39 43.88 -3.09
N LYS D 191 -12.84 45.10 -3.11
CA LYS D 191 -12.33 45.70 -4.33
C LYS D 191 -10.81 45.60 -4.46
N VAL D 192 -10.07 46.12 -3.48
CA VAL D 192 -8.62 46.25 -3.59
C VAL D 192 -7.95 45.09 -2.87
N TYR D 193 -7.10 44.37 -3.59
CA TYR D 193 -6.30 43.28 -3.04
C TYR D 193 -4.84 43.68 -3.12
N ALA D 194 -4.11 43.52 -2.02
CA ALA D 194 -2.72 43.97 -1.98
C ALA D 194 -1.91 43.03 -1.10
N CYS D 195 -0.64 42.87 -1.45
CA CYS D 195 0.31 42.23 -0.57
C CYS D 195 1.41 43.23 -0.25
N GLU D 196 1.78 43.26 1.04
CA GLU D 196 2.77 44.19 1.56
C GLU D 196 3.96 43.38 2.04
N VAL D 197 5.16 43.75 1.56
CA VAL D 197 6.36 42.93 1.72
C VAL D 197 7.38 43.73 2.52
N THR D 198 7.94 43.10 3.55
CA THR D 198 9.08 43.67 4.26
C THR D 198 10.25 42.71 4.19
N HIS D 199 11.45 43.28 4.24
CA HIS D 199 12.69 42.54 4.10
C HIS D 199 13.80 43.46 4.59
N GLN D 200 14.82 42.87 5.20
CA GLN D 200 15.87 43.71 5.78
C GLN D 200 16.59 44.55 4.75
N GLY D 201 16.54 44.17 3.47
CA GLY D 201 17.10 44.98 2.41
C GLY D 201 16.23 46.12 1.92
N LEU D 202 15.00 46.22 2.43
CA LEU D 202 14.07 47.28 2.07
C LEU D 202 14.02 48.33 3.18
N SER D 203 14.15 49.60 2.81
CA SER D 203 14.04 50.68 3.79
C SER D 203 12.61 50.83 4.31
N SER D 204 11.61 50.42 3.52
CA SER D 204 10.22 50.50 3.94
C SER D 204 9.44 49.41 3.22
N PRO D 205 8.25 49.06 3.71
CA PRO D 205 7.50 47.96 3.08
C PRO D 205 7.13 48.27 1.65
N VAL D 206 7.11 47.23 0.82
CA VAL D 206 6.73 47.35 -0.59
C VAL D 206 5.34 46.75 -0.78
N THR D 207 4.45 47.50 -1.42
CA THR D 207 3.08 47.09 -1.66
C THR D 207 2.84 46.97 -3.16
N LYS D 208 2.21 45.87 -3.58
CA LYS D 208 1.66 45.74 -4.93
C LYS D 208 0.18 45.40 -4.80
N SER D 209 -0.64 45.96 -5.68
CA SER D 209 -2.09 45.80 -5.54
C SER D 209 -2.76 45.74 -6.90
N PHE D 210 -4.01 45.32 -6.90
CA PHE D 210 -4.90 45.41 -8.07
C PHE D 210 -6.32 45.66 -7.58
N ASN D 211 -7.17 46.10 -8.51
CA ASN D 211 -8.60 46.25 -8.26
C ASN D 211 -9.35 45.07 -8.89
N ARG D 212 -10.22 44.44 -8.11
CA ARG D 212 -10.98 43.31 -8.60
C ARG D 212 -11.82 43.71 -9.80
N GLY D 213 -11.63 43.02 -10.91
CA GLY D 213 -12.34 43.32 -12.13
C GLY D 213 -11.75 44.47 -12.93
N GLU D 214 -10.49 44.35 -13.31
CA GLU D 214 -9.83 45.35 -14.14
C GLU D 214 -8.81 44.70 -15.06
N GLY E 6 -25.06 0.38 -24.68
CA GLY E 6 -24.61 1.17 -23.55
C GLY E 6 -23.19 1.68 -23.71
N ASN E 7 -22.76 2.52 -22.78
CA ASN E 7 -21.42 3.10 -22.80
C ASN E 7 -20.61 2.55 -21.64
N PRO E 8 -19.56 1.78 -21.87
CA PRO E 8 -18.85 1.12 -20.77
C PRO E 8 -17.93 2.02 -19.96
N ASP E 9 -17.72 3.28 -20.39
CA ASP E 9 -16.79 4.17 -19.71
C ASP E 9 -17.49 4.85 -18.55
N PRO E 10 -17.13 4.54 -17.30
CA PRO E 10 -17.75 5.20 -16.14
C PRO E 10 -17.04 6.45 -15.67
N ASN E 11 -15.90 6.78 -16.26
CA ASN E 11 -15.09 7.93 -15.85
C ASN E 11 -15.17 9.08 -16.85
N ALA E 12 -16.22 9.13 -17.66
CA ALA E 12 -16.41 10.21 -18.61
C ALA E 12 -17.91 10.38 -18.87
N ASN E 13 -18.30 11.60 -19.19
CA ASN E 13 -19.70 11.87 -19.47
C ASN E 13 -20.02 11.45 -20.90
N PRO E 14 -20.91 10.49 -21.12
CA PRO E 14 -21.26 10.08 -22.48
C PRO E 14 -22.28 11.00 -23.13
N ASN E 15 -23.13 11.63 -22.32
CA ASN E 15 -24.26 12.40 -22.85
C ASN E 15 -23.87 13.86 -23.08
N GLY F 6 16.82 -2.37 24.55
CA GLY F 6 17.33 -2.93 23.32
C GLY F 6 18.85 -2.98 23.27
N ASN F 7 19.38 -3.63 22.23
CA ASN F 7 20.83 -3.75 22.06
C ASN F 7 21.26 -2.95 20.85
N PRO F 8 22.04 -1.87 21.01
CA PRO F 8 22.37 -1.02 19.85
C PRO F 8 23.47 -1.58 18.96
N ASP F 9 24.10 -2.69 19.33
CA ASP F 9 25.23 -3.23 18.57
C ASP F 9 24.71 -4.11 17.44
N PRO F 10 24.84 -3.70 16.18
CA PRO F 10 24.37 -4.51 15.05
C PRO F 10 25.40 -5.48 14.50
N ASN F 11 26.64 -5.43 14.99
CA ASN F 11 27.74 -6.23 14.49
C ASN F 11 28.12 -7.35 15.45
N ALA F 12 27.22 -7.73 16.35
CA ALA F 12 27.49 -8.81 17.29
C ALA F 12 26.17 -9.46 17.68
N ASN F 13 26.26 -10.74 18.04
CA ASN F 13 25.07 -11.49 18.44
C ASN F 13 24.75 -11.21 19.91
N PRO F 14 23.58 -10.63 20.21
CA PRO F 14 23.22 -10.39 21.62
C PRO F 14 22.71 -11.62 22.33
N ASN F 15 22.11 -12.55 21.59
CA ASN F 15 21.47 -13.72 22.18
C ASN F 15 22.43 -14.89 22.28
N UNK G 1 -13.43 -55.56 -21.87
CA UNK G 1 -12.76 -55.39 -20.59
C UNK G 1 -11.42 -54.65 -20.74
N VAL G 2 -10.54 -54.83 -19.76
CA VAL G 2 -9.26 -54.13 -19.68
C VAL G 2 -8.25 -55.08 -19.05
N GLN G 3 -7.11 -55.26 -19.72
CA GLN G 3 -6.04 -56.11 -19.23
C GLN G 3 -4.84 -55.22 -18.95
N LEU G 4 -4.24 -55.39 -17.78
CA LEU G 4 -3.08 -54.59 -17.35
C LEU G 4 -1.92 -55.53 -17.01
N UNK G 5 -0.72 -55.13 -17.39
CA UNK G 5 0.47 -55.93 -17.15
C UNK G 5 1.59 -55.04 -16.61
N UNK G 6 2.00 -55.29 -15.37
CA UNK G 6 3.12 -54.56 -14.79
C UNK G 6 4.44 -55.26 -15.13
N SER G 7 5.49 -54.46 -15.31
CA SER G 7 6.83 -54.98 -15.55
C SER G 7 7.84 -53.98 -15.04
N GLY G 8 9.11 -54.40 -15.03
CA GLY G 8 10.19 -53.54 -14.61
C GLY G 8 10.62 -53.71 -13.17
N GLY G 9 10.10 -54.71 -12.46
CA GLY G 9 10.53 -54.97 -11.11
C GLY G 9 11.94 -55.56 -11.07
N GLY G 10 12.39 -55.84 -9.85
CA GLY G 10 13.70 -56.42 -9.68
C GLY G 10 14.17 -56.32 -8.23
N UNK G 11 15.46 -56.55 -8.08
CA UNK G 11 16.13 -56.54 -6.79
C UNK G 11 17.20 -55.44 -6.83
N VAL G 12 17.07 -54.44 -5.96
CA VAL G 12 18.02 -53.34 -5.94
C VAL G 12 18.50 -53.10 -4.51
N GLN G 13 19.62 -52.40 -4.40
CA GLN G 13 20.19 -52.02 -3.12
C GLN G 13 19.49 -50.77 -2.60
N UNK G 14 19.51 -50.55 -1.28
CA UNK G 14 18.97 -49.30 -0.76
C UNK G 14 19.60 -48.08 -1.44
N GLY G 15 18.77 -47.10 -1.76
CA GLY G 15 19.20 -45.94 -2.49
C GLY G 15 19.19 -46.08 -3.99
N UNK G 16 18.87 -47.27 -4.52
CA UNK G 16 18.86 -47.50 -5.94
C UNK G 16 17.57 -47.01 -6.60
N SER G 17 17.46 -47.33 -7.89
CA SER G 17 16.33 -46.87 -8.70
C SER G 17 15.77 -48.02 -9.53
N LEU G 18 14.47 -47.93 -9.79
CA LEU G 18 13.76 -48.83 -10.70
C LEU G 18 12.68 -48.03 -11.38
N UNK G 19 12.29 -48.47 -12.58
CA UNK G 19 11.21 -47.83 -13.32
C UNK G 19 10.18 -48.90 -13.68
N LEU G 20 9.00 -48.81 -13.10
CA LEU G 20 7.93 -49.75 -13.41
C LEU G 20 7.10 -49.23 -14.58
N SER G 21 6.57 -50.17 -15.35
CA SER G 21 5.67 -49.86 -16.45
C SER G 21 4.40 -50.67 -16.28
N CYS G 22 3.29 -50.09 -16.73
CA CYS G 22 1.98 -50.74 -16.71
C CYS G 22 1.37 -50.59 -18.10
N UNK G 23 1.37 -51.67 -18.87
CA UNK G 23 0.85 -51.66 -20.23
C UNK G 23 -0.60 -52.14 -20.21
N ALA G 24 -1.47 -51.39 -20.88
CA ALA G 24 -2.90 -51.67 -20.92
C ALA G 24 -3.33 -52.17 -22.30
N UNK G 25 -4.35 -53.03 -22.30
CA UNK G 25 -4.98 -53.49 -23.52
C UNK G 25 -6.47 -53.67 -23.28
N UNK G 26 -7.24 -53.63 -24.37
CA UNK G 26 -8.69 -53.72 -24.32
C UNK G 26 -9.43 -52.40 -24.23
N UNK G 27 -8.70 -51.29 -24.03
CA UNK G 27 -9.28 -49.95 -23.93
C UNK G 27 -8.14 -48.95 -24.08
N UNK G 28 -8.44 -47.79 -24.67
CA UNK G 28 -7.48 -46.70 -24.69
C UNK G 28 -7.54 -45.96 -23.36
N UNK G 29 -6.39 -45.80 -22.70
CA UNK G 29 -6.39 -45.30 -21.33
C UNK G 29 -6.29 -43.78 -21.23
N UNK G 30 -6.20 -43.06 -22.34
CA UNK G 30 -5.86 -41.64 -22.25
C UNK G 30 -6.95 -40.83 -21.52
N UNK G 31 -8.19 -41.30 -21.54
CA UNK G 31 -9.26 -40.59 -20.84
C UNK G 31 -9.34 -40.94 -19.35
N UNK G 32 -8.49 -41.84 -18.84
CA UNK G 32 -8.66 -42.37 -17.50
C UNK G 32 -7.42 -42.16 -16.65
N UNK G 33 -7.65 -41.88 -15.37
CA UNK G 33 -6.58 -41.91 -14.39
C UNK G 33 -6.06 -43.34 -14.21
N UNK G 34 -4.75 -43.44 -13.98
CA UNK G 34 -4.09 -44.71 -13.71
C UNK G 34 -3.37 -44.61 -12.39
N UNK G 35 -3.59 -45.58 -11.50
CA UNK G 35 -3.06 -45.52 -10.16
C UNK G 35 -2.12 -46.69 -9.89
N TRP G 36 -1.14 -46.44 -9.02
CA TRP G 36 -0.25 -47.46 -8.49
C TRP G 36 -0.60 -47.72 -7.04
N UNK G 37 -0.69 -49.00 -6.68
CA UNK G 37 -0.85 -49.45 -5.30
C UNK G 37 0.26 -50.45 -5.00
N ARG G 38 0.43 -50.76 -3.71
CA ARG G 38 1.43 -51.74 -3.34
C ARG G 38 0.96 -52.51 -2.11
N GLN G 39 1.43 -53.76 -2.01
CA GLN G 39 1.23 -54.59 -0.82
C GLN G 39 2.63 -54.79 -0.23
N UNK G 40 2.98 -53.96 0.74
CA UNK G 40 4.26 -54.06 1.43
C UNK G 40 4.31 -55.25 2.37
N ARG G 45 -4.03 -52.47 1.45
CA ARG G 45 -3.35 -52.13 0.21
C ARG G 45 -3.09 -50.63 0.15
N GLU G 46 -1.82 -50.26 0.13
CA GLU G 46 -1.44 -48.86 0.26
C GLU G 46 -1.42 -48.16 -1.09
N UNK G 47 -2.10 -47.02 -1.16
CA UNK G 47 -2.04 -46.16 -2.33
C UNK G 47 -0.62 -45.64 -2.49
N VAL G 48 -0.12 -45.63 -3.73
CA VAL G 48 1.21 -45.13 -4.03
C VAL G 48 1.13 -43.83 -4.83
N UNK G 49 0.50 -43.86 -6.00
CA UNK G 49 0.44 -42.67 -6.84
C UNK G 49 -0.66 -42.83 -7.88
N UNK G 50 -1.15 -41.69 -8.38
CA UNK G 50 -2.09 -41.68 -9.50
C UNK G 50 -1.65 -40.63 -10.51
N UNK G 51 -1.72 -41.00 -11.78
CA UNK G 51 -1.58 -40.07 -12.90
C UNK G 51 -2.97 -39.87 -13.50
N UNK G 52 -3.53 -38.68 -13.33
CA UNK G 52 -4.80 -38.38 -13.95
C UNK G 52 -4.57 -38.07 -15.43
N UNK G 53 -5.64 -37.67 -16.13
CA UNK G 53 -5.46 -37.29 -17.53
C UNK G 53 -4.43 -36.17 -17.62
N UNK G 54 -3.77 -36.11 -18.77
CA UNK G 54 -2.78 -35.05 -18.97
C UNK G 54 -3.42 -33.69 -18.72
N UNK G 55 -2.74 -32.88 -17.91
CA UNK G 55 -3.24 -31.60 -17.49
C UNK G 55 -3.94 -31.62 -16.13
N UNK G 56 -4.36 -32.80 -15.67
CA UNK G 56 -5.09 -32.93 -14.41
C UNK G 56 -4.21 -33.35 -13.25
N UNK G 57 -2.93 -33.60 -13.49
CA UNK G 57 -1.95 -33.69 -12.43
C UNK G 57 -1.68 -35.10 -11.94
N UNK G 58 -0.63 -35.20 -11.12
CA UNK G 58 -0.24 -36.42 -10.44
C UNK G 58 -0.32 -36.21 -8.93
N UNK G 59 -0.73 -37.25 -8.21
CA UNK G 59 -0.92 -37.16 -6.77
C UNK G 59 -0.24 -38.36 -6.11
N UNK G 60 0.28 -38.14 -4.91
CA UNK G 60 1.17 -39.11 -4.28
C UNK G 60 0.81 -39.36 -2.83
N UNK G 61 1.16 -40.55 -2.36
CA UNK G 61 1.11 -40.86 -0.93
C UNK G 61 2.26 -40.18 -0.23
N ASP G 62 2.08 -39.90 1.07
CA ASP G 62 3.14 -39.22 1.80
C ASP G 62 4.37 -40.09 1.99
N SER G 63 4.22 -41.42 1.92
CA SER G 63 5.36 -42.31 2.08
C SER G 63 6.30 -42.31 0.87
N UNK G 64 5.85 -41.84 -0.29
CA UNK G 64 6.69 -41.84 -1.50
C UNK G 64 6.85 -40.45 -2.10
N UNK G 65 6.19 -39.44 -1.56
CA UNK G 65 6.25 -38.09 -2.10
C UNK G 65 7.70 -37.63 -2.21
N GLY G 66 8.09 -37.19 -3.42
CA GLY G 66 9.43 -36.71 -3.66
C GLY G 66 10.44 -37.79 -4.01
N ARG G 67 10.11 -39.06 -3.81
CA ARG G 67 10.97 -40.17 -4.22
C ARG G 67 10.46 -40.88 -5.45
N PHE G 68 9.14 -41.06 -5.57
CA PHE G 68 8.53 -41.74 -6.69
C PHE G 68 7.79 -40.71 -7.55
N THR G 69 7.78 -40.93 -8.86
CA THR G 69 7.06 -40.06 -9.79
C THR G 69 6.40 -40.88 -10.89
N UNK G 70 5.19 -40.50 -11.27
CA UNK G 70 4.45 -41.16 -12.34
C UNK G 70 4.49 -40.32 -13.60
N SER G 71 4.33 -40.98 -14.74
CA SER G 71 4.22 -40.30 -16.02
C SER G 71 3.46 -41.21 -16.97
N UNK G 72 3.07 -40.65 -18.12
CA UNK G 72 2.20 -41.34 -19.07
C UNK G 72 2.81 -41.30 -20.47
N ASP G 73 2.67 -42.42 -21.19
CA ASP G 73 2.86 -42.48 -22.64
C ASP G 73 1.58 -43.06 -23.22
N UNK G 74 0.60 -42.18 -23.49
CA UNK G 74 -0.71 -42.66 -23.93
C UNK G 74 -0.64 -43.29 -25.31
N UNK G 75 0.31 -42.86 -26.15
CA UNK G 75 0.46 -43.48 -27.46
C UNK G 75 0.83 -44.95 -27.35
N UNK G 76 1.57 -45.32 -26.30
CA UNK G 76 1.86 -46.72 -26.02
C UNK G 76 0.86 -47.34 -25.04
N UNK G 77 -0.16 -46.58 -24.61
CA UNK G 77 -1.16 -47.08 -23.68
C UNK G 77 -0.51 -47.56 -22.39
N UNK G 78 0.46 -46.80 -21.90
CA UNK G 78 1.32 -47.23 -20.82
C UNK G 78 1.54 -46.09 -19.83
N UNK G 79 1.64 -46.42 -18.55
CA UNK G 79 2.02 -45.47 -17.52
C UNK G 79 3.23 -46.01 -16.77
N UNK G 80 3.96 -45.11 -16.11
CA UNK G 80 5.23 -45.45 -15.50
C UNK G 80 5.25 -44.98 -14.05
N LEU G 81 6.06 -45.68 -13.24
CA LEU G 81 6.34 -45.27 -11.88
C LEU G 81 7.86 -45.26 -11.75
N GLN G 82 8.45 -44.07 -11.71
CA GLN G 82 9.88 -43.95 -11.48
C GLN G 82 10.14 -43.96 -9.98
N UNK G 83 10.93 -44.93 -9.51
CA UNK G 83 11.18 -45.13 -8.09
C UNK G 83 12.63 -44.79 -7.81
N UNK G 84 12.86 -43.72 -7.06
CA UNK G 84 14.21 -43.31 -6.67
C UNK G 84 14.36 -43.37 -5.16
N UNK G 85 15.62 -43.34 -4.71
CA UNK G 85 15.97 -43.34 -3.28
C UNK G 85 15.22 -44.46 -2.54
N LEU G 86 15.30 -45.66 -3.10
CA LEU G 86 14.53 -46.78 -2.57
C LEU G 86 15.01 -47.18 -1.18
N UNK G 87 14.06 -47.59 -0.35
CA UNK G 87 14.27 -48.00 1.04
C UNK G 87 13.86 -49.45 1.21
N UNK G 88 14.38 -50.13 2.24
CA UNK G 88 13.94 -51.52 2.48
C UNK G 88 12.44 -51.67 2.61
N UNK G 89 11.76 -50.74 3.27
CA UNK G 89 10.31 -50.83 3.43
C UNK G 89 9.55 -50.59 2.13
N ASP G 90 10.22 -50.25 1.03
CA ASP G 90 9.55 -50.20 -0.26
C ASP G 90 9.41 -51.58 -0.89
N UNK G 91 9.98 -52.62 -0.28
CA UNK G 91 9.81 -53.97 -0.78
C UNK G 91 8.35 -54.35 -0.75
N ALA G 92 7.79 -54.71 -1.91
CA ALA G 92 6.36 -54.97 -2.01
C ALA G 92 6.05 -55.52 -3.40
N UNK G 93 4.83 -56.03 -3.53
CA UNK G 93 4.20 -56.22 -4.84
C UNK G 93 3.52 -54.92 -5.24
N TYR G 94 3.86 -54.41 -6.42
CA TYR G 94 3.30 -53.17 -6.93
C TYR G 94 2.24 -53.47 -7.99
N TYR G 95 1.06 -52.90 -7.82
CA TYR G 95 -0.06 -53.06 -8.74
C TYR G 95 -0.39 -51.76 -9.44
N CYS G 96 -0.86 -51.85 -10.68
CA CYS G 96 -1.52 -50.72 -11.32
C CYS G 96 -3.00 -51.05 -11.51
N UNK G 97 -3.82 -49.99 -11.47
CA UNK G 97 -5.26 -50.11 -11.66
C UNK G 97 -5.72 -48.91 -12.46
N UNK G 98 -6.79 -49.10 -13.22
CA UNK G 98 -7.42 -48.01 -13.95
C UNK G 98 -8.63 -47.54 -13.17
N UNK G 99 -8.78 -46.23 -13.06
CA UNK G 99 -10.00 -45.62 -12.52
C UNK G 99 -10.97 -45.46 -13.68
N UNK G 100 -12.00 -46.31 -13.72
CA UNK G 100 -12.95 -46.28 -14.83
C UNK G 100 -13.88 -45.08 -14.79
N UNK G 101 -13.89 -44.30 -13.71
CA UNK G 101 -14.72 -43.11 -13.60
C UNK G 101 -13.91 -41.93 -14.13
N UNK G 102 -14.34 -41.35 -15.25
CA UNK G 102 -13.62 -40.21 -15.80
C UNK G 102 -13.71 -38.98 -14.90
N UNK G 103 -14.62 -38.97 -13.93
CA UNK G 103 -14.69 -37.90 -12.93
C UNK G 103 -13.86 -38.21 -11.69
N UNK G 104 -13.07 -39.30 -11.70
CA UNK G 104 -11.96 -39.52 -10.77
C UNK G 104 -12.39 -39.91 -9.36
N UNK G 105 -13.51 -40.62 -9.21
CA UNK G 105 -13.94 -41.04 -7.89
C UNK G 105 -13.25 -42.32 -7.41
N UNK G 106 -12.36 -42.90 -8.20
CA UNK G 106 -11.65 -44.09 -7.77
C UNK G 106 -12.45 -45.37 -7.93
N UNK G 107 -13.03 -45.55 -9.12
CA UNK G 107 -13.77 -46.78 -9.44
C UNK G 107 -12.80 -47.76 -10.10
N UNK G 108 -11.99 -48.41 -9.27
CA UNK G 108 -10.91 -49.27 -9.75
C UNK G 108 -11.48 -50.65 -10.05
N UNK G 109 -11.93 -50.86 -11.28
CA UNK G 109 -12.57 -52.12 -11.63
C UNK G 109 -11.65 -53.08 -12.36
N UNK G 110 -10.48 -52.64 -12.83
CA UNK G 110 -9.53 -53.52 -13.50
C UNK G 110 -8.16 -53.32 -12.91
N TRP G 111 -7.50 -54.44 -12.56
CA TRP G 111 -6.21 -54.45 -11.89
C TRP G 111 -5.21 -55.30 -12.65
N GLY G 112 -3.94 -54.94 -12.55
CA GLY G 112 -2.89 -55.86 -12.96
C GLY G 112 -2.62 -56.90 -11.90
N UNK G 113 -1.84 -57.92 -12.26
CA UNK G 113 -1.54 -58.98 -11.31
C UNK G 113 -0.42 -58.63 -10.35
N GLY G 114 0.30 -57.55 -10.60
CA GLY G 114 1.32 -57.09 -9.68
C GLY G 114 2.70 -57.58 -10.08
N THR G 115 3.72 -56.84 -9.67
CA THR G 115 5.10 -57.24 -9.93
C THR G 115 5.95 -56.93 -8.72
N UNK G 116 6.97 -57.76 -8.49
CA UNK G 116 7.73 -57.72 -7.25
C UNK G 116 8.86 -56.71 -7.33
N VAL G 117 8.98 -55.89 -6.29
CA VAL G 117 10.12 -54.98 -6.11
C VAL G 117 10.69 -55.25 -4.72
N THR G 118 11.97 -55.60 -4.66
CA THR G 118 12.64 -55.89 -3.41
C THR G 118 13.87 -55.00 -3.26
N VAL G 119 14.01 -54.37 -2.11
CA VAL G 119 15.13 -53.52 -1.78
C VAL G 119 15.86 -54.15 -0.60
N SER G 120 17.09 -54.60 -0.82
CA SER G 120 17.90 -55.15 0.26
C SER G 120 19.36 -54.97 -0.07
N SER G 121 20.17 -54.77 0.97
CA SER G 121 21.60 -54.61 0.79
C SER G 121 22.31 -55.96 0.81
N UNK H 1 10.89 58.05 23.95
CA UNK H 1 10.70 56.70 23.43
C UNK H 1 11.93 56.25 22.64
N VAL H 2 11.76 55.28 21.73
CA VAL H 2 12.91 54.71 21.05
C VAL H 2 13.51 55.76 20.11
N GLN H 3 14.75 56.15 20.41
CA GLN H 3 15.50 57.14 19.64
C GLN H 3 16.86 56.59 19.25
N LEU H 4 17.27 56.89 18.03
CA LEU H 4 18.57 56.49 17.51
C LEU H 4 19.35 57.74 17.14
N UNK H 5 20.66 57.73 17.43
CA UNK H 5 21.50 58.89 17.14
C UNK H 5 22.78 58.41 16.47
N UNK H 6 22.97 58.78 15.22
CA UNK H 6 24.19 58.49 14.49
C UNK H 6 25.20 59.59 14.74
N SER H 7 26.48 59.22 14.78
CA SER H 7 27.56 60.18 14.94
C SER H 7 28.80 59.63 14.26
N GLY H 8 29.82 60.46 14.17
CA GLY H 8 31.07 60.04 13.59
C GLY H 8 31.23 60.37 12.11
N GLY H 9 30.31 61.11 11.53
CA GLY H 9 30.44 61.54 10.15
C GLY H 9 31.53 62.58 10.02
N GLY H 10 31.72 63.03 8.79
CA GLY H 10 32.73 64.03 8.53
C GLY H 10 33.07 64.13 7.06
N UNK H 11 34.19 64.79 6.80
CA UNK H 11 34.67 65.05 5.45
C UNK H 11 36.03 64.39 5.30
N VAL H 12 36.13 63.43 4.37
CA VAL H 12 37.37 62.70 4.16
C VAL H 12 37.74 62.72 2.69
N GLN H 13 39.01 62.44 2.43
CA GLN H 13 39.56 62.33 1.09
C GLN H 13 39.33 60.92 0.54
N UNK H 14 39.29 60.77 -0.78
CA UNK H 14 39.18 59.42 -1.36
C UNK H 14 40.27 58.50 -0.81
N GLY H 15 39.88 57.28 -0.48
CA GLY H 15 40.78 56.34 0.14
C GLY H 15 40.84 56.41 1.66
N UNK H 16 40.16 57.38 2.28
CA UNK H 16 40.20 57.54 3.71
C UNK H 16 39.27 56.58 4.43
N SER H 17 39.17 56.78 5.76
CA SER H 17 38.40 55.92 6.64
C SER H 17 37.59 56.75 7.61
N LEU H 18 36.44 56.20 8.02
CA LEU H 18 35.59 56.77 9.06
C LEU H 18 34.93 55.63 9.80
N UNK H 19 34.57 55.88 11.06
CA UNK H 19 33.85 54.89 11.87
C UNK H 19 32.60 55.57 12.42
N LEU H 20 31.43 55.10 11.98
CA LEU H 20 30.16 55.62 12.43
C LEU H 20 29.68 54.88 13.67
N SER H 21 28.95 55.60 14.53
CA SER H 21 28.34 55.03 15.72
C SER H 21 26.84 55.31 15.70
N CYS H 22 26.08 54.36 16.23
CA CYS H 22 24.63 54.50 16.35
C CYS H 22 24.22 54.09 17.76
N UNK H 23 23.92 55.08 18.61
CA UNK H 23 23.52 54.84 19.97
C UNK H 23 22.00 54.83 20.06
N ALA H 24 21.45 53.82 20.71
CA ALA H 24 20.01 53.66 20.85
C ALA H 24 19.58 53.95 22.27
N UNK H 25 18.37 54.48 22.41
CA UNK H 25 17.75 54.68 23.71
C UNK H 25 16.26 54.40 23.60
N UNK H 26 15.66 54.05 24.73
CA UNK H 26 14.26 53.66 24.75
C UNK H 26 14.02 52.17 24.61
N UNK H 27 15.07 51.39 24.30
CA UNK H 27 14.95 49.94 24.17
C UNK H 27 16.35 49.34 24.20
N UNK H 28 16.46 48.14 24.77
CA UNK H 28 17.70 47.39 24.73
C UNK H 28 17.82 46.66 23.41
N UNK H 29 18.93 46.87 22.70
CA UNK H 29 19.03 46.43 21.31
C UNK H 29 19.58 45.02 21.15
N UNK H 30 19.99 44.35 22.23
CA UNK H 30 20.72 43.10 22.06
C UNK H 30 19.87 42.01 21.41
N UNK H 31 18.56 42.08 21.53
CA UNK H 31 17.69 41.10 20.89
C UNK H 31 17.37 41.45 19.45
N UNK H 32 17.83 42.58 18.92
CA UNK H 32 17.37 43.08 17.63
C UNK H 32 18.53 43.29 16.65
N UNK H 33 18.26 43.00 15.39
CA UNK H 33 19.15 43.41 14.32
C UNK H 33 19.16 44.93 14.20
N UNK H 34 20.32 45.46 13.85
CA UNK H 34 20.51 46.89 13.60
C UNK H 34 21.08 47.05 12.20
N UNK H 35 20.47 47.91 11.40
CA UNK H 35 20.86 48.09 10.01
C UNK H 35 21.34 49.51 9.76
N TRP H 36 22.25 49.63 8.79
CA TRP H 36 22.69 50.91 8.26
C TRP H 36 22.12 51.11 6.87
N UNK H 37 21.60 52.31 6.61
CA UNK H 37 21.17 52.73 5.29
C UNK H 37 21.88 54.02 4.94
N ARG H 38 21.89 54.38 3.66
CA ARG H 38 22.47 55.65 3.27
C ARG H 38 21.66 56.25 2.14
N GLN H 39 21.55 57.57 2.14
CA GLN H 39 20.83 58.34 1.13
C GLN H 39 21.80 59.26 0.41
N UNK H 40 22.23 58.86 -0.78
CA UNK H 40 23.10 59.70 -1.57
C UNK H 40 22.30 60.92 -2.05
N PRO H 41 22.97 62.02 -2.35
CA PRO H 41 22.25 63.22 -2.82
C PRO H 41 21.36 62.90 -4.01
N GLY H 42 20.08 63.27 -3.88
CA GLY H 42 19.11 63.03 -4.92
C GLY H 42 18.52 61.64 -4.98
N UNK H 43 19.02 60.71 -4.16
CA UNK H 43 18.56 59.32 -4.18
C UNK H 43 17.71 59.04 -2.94
N UNK H 44 17.35 57.76 -2.77
CA UNK H 44 16.62 57.33 -1.59
C UNK H 44 17.52 56.48 -0.71
N ARG H 45 16.94 55.86 0.30
CA ARG H 45 17.71 55.15 1.32
C ARG H 45 18.12 53.77 0.81
N GLU H 46 19.42 53.60 0.56
CA GLU H 46 19.99 52.37 0.04
C GLU H 46 20.43 51.52 1.22
N UNK H 47 20.11 50.23 1.20
CA UNK H 47 20.61 49.35 2.25
C UNK H 47 22.13 49.29 2.20
N VAL H 48 22.76 49.39 3.37
CA VAL H 48 24.22 49.31 3.49
C VAL H 48 24.66 48.03 4.19
N UNK H 49 24.18 47.82 5.42
CA UNK H 49 24.61 46.66 6.19
C UNK H 49 23.64 46.41 7.33
N UNK H 50 23.62 45.16 7.81
CA UNK H 50 22.87 44.80 9.01
C UNK H 50 23.75 43.94 9.91
N UNK H 51 23.72 44.23 11.20
CA UNK H 51 24.30 43.38 12.22
C UNK H 51 23.14 42.73 12.96
N UNK H 52 22.98 41.42 12.77
CA UNK H 52 21.94 40.70 13.50
C UNK H 52 22.42 40.44 14.93
N UNK H 53 21.63 39.70 15.70
CA UNK H 53 22.06 39.35 17.05
C UNK H 53 23.40 38.63 17.00
N UNK H 54 24.16 38.74 18.08
CA UNK H 54 25.45 38.09 18.14
C UNK H 54 25.31 36.60 17.83
N UNK H 55 26.15 36.13 16.91
CA UNK H 55 26.08 34.77 16.42
C UNK H 55 25.28 34.59 15.14
N UNK H 56 24.42 35.55 14.81
CA UNK H 56 23.55 35.45 13.63
C UNK H 56 24.11 36.17 12.42
N UNK H 57 25.26 36.83 12.55
CA UNK H 57 26.02 37.28 11.41
C UNK H 57 25.73 38.70 10.97
N UNK H 58 26.58 39.17 10.07
CA UNK H 58 26.45 40.47 9.42
C UNK H 58 26.29 40.27 7.91
N UNK H 59 25.47 41.10 7.29
CA UNK H 59 25.18 41.01 5.87
C UNK H 59 25.33 42.39 5.25
N UNK H 60 25.78 42.42 3.99
CA UNK H 60 26.23 43.66 3.36
C UNK H 60 25.68 43.79 1.95
N UNK H 61 25.52 45.05 1.52
CA UNK H 61 25.20 45.35 0.12
C UNK H 61 26.43 45.15 -0.76
N ASP H 62 26.22 44.88 -2.04
CA ASP H 62 27.37 44.66 -2.92
C ASP H 62 28.17 45.95 -3.17
N SER H 63 27.57 47.12 -2.97
CA SER H 63 28.32 48.36 -3.15
C SER H 63 29.35 48.60 -2.05
N UNK H 64 29.22 47.94 -0.90
CA UNK H 64 30.12 48.16 0.23
C UNK H 64 30.82 46.89 0.68
N UNK H 65 30.50 45.75 0.08
CA UNK H 65 31.10 44.48 0.49
C UNK H 65 32.62 44.54 0.45
N GLY H 66 33.25 44.17 1.56
CA GLY H 66 34.69 44.14 1.67
C GLY H 66 35.34 45.43 2.08
N ARG H 67 34.62 46.55 2.03
CA ARG H 67 35.13 47.84 2.49
C ARG H 67 34.55 48.28 3.82
N PHE H 68 33.28 47.99 4.05
CA PHE H 68 32.58 48.38 5.27
C PHE H 68 32.33 47.15 6.13
N THR H 69 32.38 47.34 7.45
CA THR H 69 32.09 46.25 8.39
C THR H 69 31.30 46.81 9.57
N UNK H 70 30.33 46.02 10.04
CA UNK H 70 29.54 46.39 11.20
C UNK H 70 29.98 45.56 12.40
N SER H 71 29.73 46.09 13.59
CA SER H 71 29.98 45.38 14.84
C SER H 71 29.07 45.97 15.90
N UNK H 72 29.01 45.29 17.05
CA UNK H 72 28.07 45.65 18.11
C UNK H 72 28.77 45.81 19.45
N ASP H 73 28.32 46.80 20.23
CA ASP H 73 28.62 46.93 21.66
C ASP H 73 27.28 47.00 22.35
N UNK H 74 26.71 45.83 22.68
CA UNK H 74 25.36 45.81 23.23
C UNK H 74 25.29 46.43 24.62
N UNK H 75 26.37 46.33 25.41
CA UNK H 75 26.36 46.93 26.74
C UNK H 75 26.24 48.45 26.67
N UNK H 76 26.77 49.07 25.62
CA UNK H 76 26.59 50.49 25.38
C UNK H 76 25.40 50.79 24.52
N UNK H 77 24.63 49.77 24.14
CA UNK H 77 23.44 49.93 23.30
C UNK H 77 23.79 50.63 21.98
N UNK H 78 24.91 50.21 21.39
CA UNK H 78 25.49 50.93 20.26
C UNK H 78 25.97 49.93 19.21
N UNK H 79 25.82 50.31 17.93
CA UNK H 79 26.39 49.55 16.83
C UNK H 79 27.26 50.50 16.00
N UNK H 80 28.18 49.90 15.24
CA UNK H 80 29.20 50.65 14.53
C UNK H 80 29.22 50.27 13.06
N LEU H 81 29.70 51.20 12.23
CA LEU H 81 29.96 50.95 10.82
C LEU H 81 31.37 51.45 10.52
N GLN H 82 32.29 50.52 10.33
CA GLN H 82 33.66 50.86 9.95
C GLN H 82 33.73 51.02 8.43
N UNK H 83 34.12 52.20 7.95
CA UNK H 83 34.12 52.51 6.52
C UNK H 83 35.55 52.73 6.07
N UNK H 84 36.06 51.85 5.22
CA UNK H 84 37.40 51.96 4.66
C UNK H 84 37.33 52.15 3.15
N UNK H 85 38.45 52.59 2.58
CA UNK H 85 38.60 52.79 1.13
C UNK H 85 37.44 53.61 0.57
N LEU H 86 37.17 54.74 1.21
CA LEU H 86 36.02 55.54 0.85
C LEU H 86 36.18 56.16 -0.54
N UNK H 87 35.08 56.25 -1.27
CA UNK H 87 35.02 56.79 -2.61
C UNK H 87 34.07 57.98 -2.63
N UNK H 88 34.22 58.89 -3.60
CA UNK H 88 33.26 60.01 -3.71
C UNK H 88 31.82 59.55 -3.77
N UNK H 89 31.54 58.45 -4.45
CA UNK H 89 30.17 57.95 -4.54
C UNK H 89 29.64 57.38 -3.22
N ASP H 90 30.46 57.32 -2.16
CA ASP H 90 29.96 56.98 -0.83
C ASP H 90 29.40 58.19 -0.08
N UNK H 91 29.50 59.39 -0.66
CA UNK H 91 28.94 60.58 -0.01
C UNK H 91 27.43 60.43 0.13
N ALA H 92 26.93 60.56 1.36
CA ALA H 92 25.51 60.32 1.64
C ALA H 92 25.23 60.72 3.07
N UNK H 93 23.93 60.80 3.39
CA UNK H 93 23.47 60.77 4.77
C UNK H 93 23.31 59.31 5.18
N TYR H 94 23.97 58.93 6.27
CA TYR H 94 23.94 57.56 6.76
C TYR H 94 23.00 57.45 7.96
N TYR H 95 22.05 56.53 7.88
CA TYR H 95 21.06 56.29 8.93
C TYR H 95 21.24 54.91 9.53
N CYS H 96 20.92 54.78 10.82
CA CYS H 96 20.73 53.46 11.40
C CYS H 96 19.25 53.29 11.75
N UNK H 97 18.80 52.04 11.70
CA UNK H 97 17.43 51.69 12.01
C UNK H 97 17.45 50.38 12.78
N UNK H 98 16.46 50.20 13.63
CA UNK H 98 16.31 48.95 14.37
C UNK H 98 15.24 48.11 13.68
N UNK H 99 15.53 46.82 13.53
CA UNK H 99 14.54 45.86 13.04
C UNK H 99 13.76 45.36 14.25
N UNK H 100 12.50 45.79 14.36
CA UNK H 100 11.69 45.41 15.51
C UNK H 100 11.23 43.96 15.50
N UNK H 101 11.43 43.24 14.39
CA UNK H 101 11.07 41.82 14.32
C UNK H 101 12.29 40.98 14.70
N UNK H 102 12.19 40.27 15.82
CA UNK H 102 13.30 39.41 16.23
C UNK H 102 13.52 38.24 15.28
N UNK H 103 12.58 37.95 14.38
CA UNK H 103 12.78 36.96 13.34
C UNK H 103 13.34 37.57 12.04
N UNK H 104 13.72 38.85 12.08
CA UNK H 104 14.58 39.46 11.06
C UNK H 104 13.89 39.76 9.74
N UNK H 105 12.60 40.08 9.76
CA UNK H 105 11.91 40.41 8.52
C UNK H 105 12.11 41.85 8.08
N UNK H 106 12.84 42.65 8.84
CA UNK H 106 13.09 44.03 8.44
C UNK H 106 11.93 44.98 8.71
N UNK H 107 11.38 44.92 9.93
CA UNK H 107 10.31 45.83 10.33
C UNK H 107 10.95 47.06 10.98
N UNK H 108 11.42 47.96 10.13
CA UNK H 108 12.20 49.12 10.56
C UNK H 108 11.24 50.23 11.00
N UNK H 109 10.88 50.23 12.28
CA UNK H 109 9.91 51.18 12.79
C UNK H 109 10.54 52.40 13.44
N UNK H 110 11.82 52.35 13.77
CA UNK H 110 12.51 53.48 14.36
C UNK H 110 13.81 53.74 13.63
N TRP H 111 14.03 55.00 13.26
CA TRP H 111 15.17 55.44 12.48
C TRP H 111 15.87 56.58 13.20
N GLY H 112 17.19 56.68 12.99
CA GLY H 112 17.90 57.88 13.39
C GLY H 112 17.70 59.00 12.37
N UNK H 113 18.12 60.21 12.75
CA UNK H 113 17.98 61.33 11.84
C UNK H 113 19.10 61.41 10.81
N GLY H 114 20.16 60.62 10.98
CA GLY H 114 21.20 60.55 9.97
C GLY H 114 22.38 61.44 10.31
N THR H 115 23.52 61.08 9.74
CA THR H 115 24.76 61.85 9.88
C THR H 115 25.45 61.93 8.53
N UNK H 116 26.08 63.07 8.27
CA UNK H 116 26.60 63.38 6.94
C UNK H 116 28.01 62.82 6.79
N VAL H 117 28.25 62.12 5.68
CA VAL H 117 29.58 61.66 5.31
C VAL H 117 29.85 62.16 3.90
N THR H 118 30.92 62.93 3.74
CA THR H 118 31.29 63.44 2.42
C THR H 118 32.71 63.03 2.11
N VAL H 119 32.91 62.48 0.91
CA VAL H 119 34.21 62.08 0.41
C VAL H 119 34.51 62.96 -0.80
N SER H 120 35.54 63.79 -0.67
CA SER H 120 35.95 64.65 -1.77
C SER H 120 37.43 64.96 -1.65
N SER H 121 38.08 65.15 -2.79
CA SER H 121 39.51 65.47 -2.81
C SER H 121 39.72 66.99 -2.71
#